data_4XOG
#
_entry.id   4XOG
#
_cell.length_a   76.375
_cell.length_b   82.498
_cell.length_c   116.744
_cell.angle_alpha   90.000
_cell.angle_beta   90.000
_cell.angle_gamma   90.000
#
_symmetry.space_group_name_H-M   'P 21 21 21'
#
loop_
_entity.id
_entity.type
_entity.pdbx_description
1 polymer 'Sialidase B'
2 non-polymer '2-DEOXY-2,3-DEHYDRO-N-ACETYL-NEURAMINIC ACID'
3 non-polymer '(1s,3R,4S)-1-[(cyclohexylamino)methyl]-3,4-dihydroxycyclopentanesulfonic acid'
4 non-polymer 'DIMETHYL SULFOXIDE'
5 water water
#
_entity_poly.entity_id   1
_entity_poly.type   'polypeptide(L)'
_entity_poly.pdbx_seq_one_letter_code
;LSISPIFQGGSYQLNNKSIDISSLLLDKLSGESQTVVMKFKADKPNSLQALFGLSNSKAGFKNNYFSIFMRDSGEIGVEI
RDAQKGINYLFSRPASLWGKHKGQAVENTLVFVSDSKDKTYTMYVNGIEVFSETVDTFLPISNINGIDKATLGAVNREGK
EHYLAKGSIDEISLFNKAISDQEVSTIPLSNPFQLIFQSGDSTQANYFRIPTLYTLSSGRVLSSIDARYGGTHDSKSKIN
IATSYSDDNGKTWSEPIFAMKFNDYEEQLVYWPRDNKLKNSQISGSASFIDSSIVEDKKSGKTILLADVMPAGIGNNNAN
KADSGFKEINGHYYLKLKKNGDNDFRYTVRENGVVYNETTNKPTNYTINDKYEVLEGGKSLTVEQYSVDFDSGSLRERHN
GKQVPMNVFYKDSLFKVTPTNYIAMTTSQNRGESWEQFKLLPPFLGEKHNGTYLCPGQGLALKSSNRLIFATYTSGELTY
LISDDSGQTWKKSSASIPFKNATAEAQMVELRDGVIRTFFRTTTGKIAYMTSRDSGETWSKVSYIDGIQQTSYGTQVSAI
KYSQLIDGKEAVILSTPNSRSGRKGGQLVVGLVNKEDDSIDWKYHYGIDLPSYGYAYSAITELPNHHIGVLFEKYDSWSR
NELHLSNVVQYIDLEINDLT
;
_entity_poly.pdbx_strand_id   A
#
# COMPACT_ATOMS: atom_id res chain seq x y z
N LEU A 1 4.61 -32.42 7.39
CA LEU A 1 5.91 -32.02 7.93
C LEU A 1 6.86 -33.20 8.06
N SER A 2 8.15 -32.91 8.23
CA SER A 2 9.18 -33.93 8.33
C SER A 2 9.17 -34.65 9.67
N ILE A 3 8.47 -34.08 10.65
CA ILE A 3 8.25 -34.78 11.92
C ILE A 3 6.80 -34.66 12.40
N SER A 4 6.43 -35.52 13.34
CA SER A 4 5.09 -35.49 13.92
C SER A 4 5.08 -34.59 15.14
N PRO A 5 3.90 -34.04 15.49
CA PRO A 5 3.82 -33.17 16.67
C PRO A 5 4.06 -33.95 17.96
N ILE A 6 4.54 -33.27 19.00
CA ILE A 6 4.69 -33.88 20.32
C ILE A 6 3.41 -33.64 21.09
N PHE A 7 2.55 -32.78 20.54
CA PHE A 7 1.27 -32.45 21.14
C PHE A 7 0.34 -31.86 20.09
N GLN A 8 -0.91 -32.32 20.09
CA GLN A 8 -1.91 -31.83 19.15
C GLN A 8 -3.28 -31.82 19.83
N GLY A 9 -3.99 -30.70 19.71
CA GLY A 9 -5.30 -30.56 20.31
C GLY A 9 -6.12 -29.57 19.51
N GLY A 10 -7.41 -29.45 19.82
CA GLY A 10 -8.27 -28.59 19.01
C GLY A 10 -9.65 -28.32 19.58
N SER A 11 -10.38 -27.44 18.89
CA SER A 11 -11.65 -26.90 19.34
C SER A 11 -11.63 -26.49 20.81
N TYR A 12 -10.68 -25.62 21.14
CA TYR A 12 -10.65 -25.01 22.45
C TYR A 12 -11.37 -23.66 22.39
N GLN A 13 -12.38 -23.50 23.22
CA GLN A 13 -13.07 -22.21 23.30
C GLN A 13 -12.44 -21.40 24.40
N LEU A 14 -12.00 -20.18 24.07
CA LEU A 14 -11.43 -19.27 25.05
C LEU A 14 -12.46 -18.19 25.40
N ASN A 15 -13.19 -18.38 26.51
CA ASN A 15 -14.24 -17.42 26.86
C ASN A 15 -13.90 -16.72 28.16
N ASN A 16 -12.81 -15.96 28.14
CA ASN A 16 -12.32 -15.26 29.33
C ASN A 16 -12.07 -16.18 30.51
N LYS A 17 -11.63 -17.39 30.19
CA LYS A 17 -11.24 -18.38 31.19
C LYS A 17 -10.21 -19.31 30.54
N SER A 18 -8.98 -19.29 31.06
CA SER A 18 -7.90 -20.06 30.44
C SER A 18 -8.12 -21.56 30.54
N ILE A 19 -7.50 -22.31 29.62
CA ILE A 19 -7.51 -23.76 29.67
C ILE A 19 -6.10 -24.27 29.97
N ASP A 20 -5.98 -25.12 30.99
CA ASP A 20 -4.69 -25.68 31.39
C ASP A 20 -4.38 -26.97 30.61
N ILE A 21 -3.26 -26.97 29.89
CA ILE A 21 -2.85 -28.14 29.13
C ILE A 21 -1.49 -28.64 29.58
N SER A 22 -1.07 -28.21 30.78
CA SER A 22 0.21 -28.59 31.35
C SER A 22 0.46 -30.09 31.29
N SER A 23 -0.47 -30.87 31.84
CA SER A 23 -0.30 -32.31 31.94
C SER A 23 -0.14 -32.98 30.58
N LEU A 24 -0.68 -32.33 29.54
CA LEU A 24 -0.59 -32.88 28.19
C LEU A 24 0.71 -32.51 27.47
N LEU A 25 1.28 -31.35 27.82
CA LEU A 25 2.35 -30.75 27.01
C LEU A 25 3.74 -30.68 27.65
N LEU A 26 3.78 -30.34 28.94
CA LEU A 26 5.04 -29.96 29.57
C LEU A 26 6.13 -31.04 29.57
N ASP A 27 5.74 -32.29 29.77
CA ASP A 27 6.74 -33.37 29.80
C ASP A 27 7.15 -33.82 28.39
N LYS A 28 6.47 -33.30 27.39
CA LYS A 28 6.78 -33.61 25.99
C LYS A 28 7.81 -32.64 25.41
N LEU A 29 7.95 -31.48 26.04
CA LEU A 29 8.89 -30.46 25.57
C LEU A 29 10.32 -30.88 25.85
N SER A 30 11.15 -30.88 24.80
CA SER A 30 12.53 -31.31 24.99
C SER A 30 13.43 -30.74 23.91
N GLY A 31 14.68 -30.46 24.28
CA GLY A 31 15.59 -29.80 23.38
C GLY A 31 15.30 -28.31 23.33
N GLU A 32 16.09 -27.57 22.57
CA GLU A 32 16.05 -26.12 22.66
C GLU A 32 15.31 -25.42 21.51
N SER A 33 14.91 -26.19 20.50
CA SER A 33 14.17 -25.65 19.35
C SER A 33 12.72 -26.11 19.34
N GLN A 34 11.78 -25.18 19.11
CA GLN A 34 10.36 -25.54 19.07
C GLN A 34 9.61 -24.81 17.97
N THR A 35 8.54 -25.43 17.48
CA THR A 35 7.64 -24.79 16.51
C THR A 35 6.22 -24.91 17.04
N VAL A 36 5.50 -23.79 17.03
CA VAL A 36 4.09 -23.80 17.40
C VAL A 36 3.24 -23.47 16.17
N VAL A 37 2.29 -24.36 15.86
CA VAL A 37 1.36 -24.14 14.76
C VAL A 37 -0.01 -24.03 15.39
N MET A 38 -0.70 -22.92 15.15
CA MET A 38 -1.97 -22.66 15.80
C MET A 38 -2.99 -22.04 14.83
N LYS A 39 -4.15 -22.68 14.70
CA LYS A 39 -5.24 -22.09 13.94
C LYS A 39 -6.26 -21.52 14.92
N PHE A 40 -6.56 -20.24 14.77
CA PHE A 40 -7.37 -19.58 15.79
C PHE A 40 -8.26 -18.46 15.23
N LYS A 41 -9.38 -18.23 15.90
CA LYS A 41 -10.27 -17.13 15.56
C LYS A 41 -10.34 -16.18 16.73
N ALA A 42 -10.45 -14.89 16.43
CA ALA A 42 -10.71 -13.89 17.45
C ALA A 42 -11.42 -12.73 16.78
N ASP A 43 -12.75 -12.79 16.75
CA ASP A 43 -13.51 -11.76 16.07
C ASP A 43 -14.04 -10.74 17.06
N LYS A 44 -13.86 -11.00 18.35
CA LYS A 44 -14.15 -10.01 19.38
C LYS A 44 -13.07 -10.03 20.45
N PRO A 45 -11.81 -9.76 20.05
CA PRO A 45 -10.70 -9.91 20.99
C PRO A 45 -10.78 -8.88 22.10
N ASN A 46 -10.23 -9.20 23.27
CA ASN A 46 -10.01 -8.20 24.29
C ASN A 46 -8.88 -7.28 23.82
N SER A 47 -8.63 -6.19 24.55
CA SER A 47 -7.62 -5.19 24.17
C SER A 47 -6.25 -5.83 23.97
N LEU A 48 -5.90 -6.73 24.87
CA LEU A 48 -4.61 -7.41 24.86
C LEU A 48 -4.85 -8.79 25.46
N GLN A 49 -4.51 -9.83 24.71
CA GLN A 49 -4.78 -11.17 25.21
C GLN A 49 -3.76 -12.20 24.74
N ALA A 50 -3.42 -13.15 25.61
CA ALA A 50 -2.52 -14.22 25.23
C ALA A 50 -3.30 -15.39 24.68
N LEU A 51 -2.82 -15.94 23.57
CA LEU A 51 -3.43 -17.14 23.02
C LEU A 51 -2.79 -18.36 23.67
N PHE A 52 -1.49 -18.28 23.90
CA PHE A 52 -0.75 -19.45 24.38
C PHE A 52 0.31 -18.98 25.35
N GLY A 53 0.46 -19.71 26.46
CA GLY A 53 1.45 -19.36 27.45
C GLY A 53 2.18 -20.58 27.98
N LEU A 54 3.48 -20.41 28.22
CA LEU A 54 4.24 -21.31 29.06
C LEU A 54 4.78 -20.43 30.16
N SER A 55 4.56 -20.80 31.41
CA SER A 55 4.97 -19.92 32.49
C SER A 55 5.42 -20.64 33.76
N ASN A 56 6.26 -19.95 34.53
CA ASN A 56 6.49 -20.30 35.92
C ASN A 56 5.40 -19.62 36.73
N SER A 57 4.47 -20.40 37.29
CA SER A 57 3.33 -19.82 37.97
C SER A 57 3.59 -19.49 39.43
N LYS A 58 4.82 -19.71 39.89
CA LYS A 58 5.11 -19.62 41.34
C LYS A 58 5.38 -18.19 41.83
N ALA A 59 5.04 -17.93 43.09
CA ALA A 59 5.32 -16.65 43.73
C ALA A 59 6.77 -16.23 43.50
N GLY A 60 7.00 -14.96 43.14
CA GLY A 60 8.35 -14.47 42.92
C GLY A 60 8.90 -14.65 41.52
N PHE A 61 8.16 -15.32 40.63
CA PHE A 61 8.63 -15.55 39.26
C PHE A 61 7.67 -15.06 38.18
N LYS A 62 7.03 -13.91 38.44
CA LYS A 62 6.02 -13.37 37.52
C LYS A 62 6.62 -13.03 36.15
N ASN A 63 7.95 -12.92 36.08
CA ASN A 63 8.62 -12.51 34.84
C ASN A 63 9.36 -13.66 34.18
N ASN A 64 8.88 -14.87 34.44
CA ASN A 64 9.44 -16.06 33.81
C ASN A 64 8.39 -16.75 32.98
N TYR A 65 8.24 -16.33 31.72
CA TYR A 65 7.23 -16.93 30.87
C TYR A 65 7.47 -16.69 29.39
N PHE A 66 6.83 -17.52 28.57
CA PHE A 66 6.74 -17.29 27.15
C PHE A 66 5.27 -17.16 26.84
N SER A 67 4.94 -16.27 25.92
CA SER A 67 3.56 -16.11 25.50
C SER A 67 3.49 -15.73 24.03
N ILE A 68 2.42 -16.18 23.36
CA ILE A 68 2.04 -15.63 22.07
C ILE A 68 0.82 -14.76 22.34
N PHE A 69 0.92 -13.47 22.04
CA PHE A 69 -0.17 -12.56 22.35
C PHE A 69 -0.64 -11.79 21.13
N MET A 70 -1.82 -11.19 21.25
CA MET A 70 -2.37 -10.34 20.20
C MET A 70 -3.03 -9.11 20.83
N ARG A 71 -3.18 -8.05 20.03
CA ARG A 71 -3.92 -6.87 20.46
C ARG A 71 -5.15 -6.70 19.58
N ASP A 72 -6.13 -5.94 20.06
CA ASP A 72 -7.33 -5.69 19.24
C ASP A 72 -7.05 -4.73 18.08
N SER A 73 -5.81 -4.29 17.93
CA SER A 73 -5.37 -3.55 16.75
C SER A 73 -4.99 -4.50 15.58
N GLY A 74 -4.95 -5.80 15.85
CA GLY A 74 -4.50 -6.77 14.84
C GLY A 74 -3.04 -7.20 15.01
N GLU A 75 -2.37 -6.59 15.98
CA GLU A 75 -0.97 -6.88 16.25
C GLU A 75 -0.79 -8.26 16.88
N ILE A 76 0.26 -8.96 16.47
CA ILE A 76 0.62 -10.26 17.02
C ILE A 76 2.04 -10.15 17.54
N GLY A 77 2.37 -10.92 18.57
CA GLY A 77 3.74 -10.95 19.04
C GLY A 77 4.01 -12.02 20.06
N VAL A 78 5.26 -12.09 20.52
CA VAL A 78 5.61 -13.00 21.59
C VAL A 78 6.36 -12.26 22.69
N GLU A 79 6.34 -12.85 23.88
CA GLU A 79 7.25 -12.47 24.95
C GLU A 79 8.03 -13.70 25.37
N ILE A 80 9.32 -13.54 25.63
CA ILE A 80 10.15 -14.63 26.14
C ILE A 80 11.01 -14.07 27.27
N ARG A 81 10.72 -14.50 28.49
CA ARG A 81 11.23 -13.81 29.66
C ARG A 81 11.73 -14.80 30.70
N ASP A 82 12.86 -14.44 31.31
CA ASP A 82 13.45 -15.24 32.39
C ASP A 82 14.26 -14.29 33.27
N ALA A 83 13.78 -14.03 34.48
CA ALA A 83 14.43 -13.05 35.38
C ALA A 83 15.84 -13.47 35.77
N GLN A 84 16.05 -14.77 35.97
CA GLN A 84 17.36 -15.25 36.39
C GLN A 84 18.41 -15.04 35.29
N LYS A 85 18.01 -15.28 34.05
CA LYS A 85 18.91 -15.11 32.92
C LYS A 85 19.07 -13.64 32.56
N GLY A 86 18.22 -12.80 33.14
CA GLY A 86 18.20 -11.38 32.79
C GLY A 86 17.77 -11.12 31.35
N ILE A 87 16.88 -11.97 30.85
CA ILE A 87 16.37 -11.84 29.48
C ILE A 87 14.89 -11.44 29.42
N ASN A 88 14.61 -10.35 28.70
CA ASN A 88 13.22 -9.94 28.44
C ASN A 88 12.96 -9.58 26.98
N TYR A 89 12.72 -10.61 26.16
CA TYR A 89 12.48 -10.40 24.73
C TYR A 89 11.01 -10.09 24.44
N LEU A 90 10.78 -9.09 23.60
CA LEU A 90 9.45 -8.74 23.14
C LEU A 90 9.57 -8.51 21.64
N PHE A 91 8.96 -9.38 20.85
CA PHE A 91 8.94 -9.20 19.39
C PHE A 91 7.49 -9.13 18.94
N SER A 92 7.18 -8.23 18.01
CA SER A 92 5.81 -8.11 17.51
C SER A 92 5.73 -7.41 16.17
N ARG A 93 4.58 -7.54 15.52
CA ARG A 93 4.28 -6.68 14.38
C ARG A 93 2.82 -6.31 14.35
N PRO A 94 2.53 -5.01 14.19
CA PRO A 94 1.16 -4.54 14.01
C PRO A 94 0.49 -5.18 12.80
N ALA A 95 -0.83 -5.06 12.73
CA ALA A 95 -1.57 -5.39 11.51
C ALA A 95 -1.16 -6.74 10.93
N SER A 96 -1.22 -7.78 11.74
CA SER A 96 -0.85 -9.12 11.27
C SER A 96 -2.03 -10.06 11.14
N LEU A 97 -3.22 -9.62 11.55
CA LEU A 97 -4.34 -10.54 11.74
C LEU A 97 -5.59 -10.22 10.92
N TRP A 98 -6.41 -11.23 10.64
CA TRP A 98 -7.80 -11.00 10.24
C TRP A 98 -8.75 -11.30 11.41
N GLY A 99 -9.89 -10.62 11.44
CA GLY A 99 -10.90 -10.87 12.45
C GLY A 99 -12.13 -11.54 11.87
N LYS A 100 -12.74 -10.87 10.90
CA LYS A 100 -13.98 -11.33 10.24
C LYS A 100 -13.91 -11.10 8.74
N HIS A 101 -14.60 -11.96 7.99
CA HIS A 101 -14.75 -11.80 6.55
C HIS A 101 -16.15 -12.31 6.18
N LYS A 102 -16.92 -11.50 5.45
CA LYS A 102 -18.29 -11.84 5.09
C LYS A 102 -19.11 -12.21 6.33
N GLY A 103 -18.90 -11.46 7.41
CA GLY A 103 -19.62 -11.67 8.65
C GLY A 103 -19.15 -12.84 9.51
N GLN A 104 -18.15 -13.57 9.02
CA GLN A 104 -17.72 -14.81 9.65
C GLN A 104 -16.32 -14.70 10.21
N ALA A 105 -16.12 -15.22 11.42
CA ALA A 105 -14.79 -15.21 12.04
C ALA A 105 -13.78 -15.94 11.16
N VAL A 106 -12.65 -15.28 10.90
CA VAL A 106 -11.57 -15.84 10.09
C VAL A 106 -10.67 -16.78 10.88
N GLU A 107 -10.36 -17.94 10.30
CA GLU A 107 -9.37 -18.84 10.90
C GLU A 107 -7.97 -18.38 10.51
N ASN A 108 -7.29 -17.73 11.45
CA ASN A 108 -5.90 -17.32 11.25
C ASN A 108 -4.98 -18.51 11.44
N THR A 109 -3.92 -18.60 10.64
CA THR A 109 -2.96 -19.69 10.74
C THR A 109 -1.64 -19.10 11.21
N LEU A 110 -1.25 -19.43 12.44
CA LEU A 110 -0.05 -18.85 13.02
C LEU A 110 1.02 -19.93 13.18
N VAL A 111 2.24 -19.61 12.73
CA VAL A 111 3.37 -20.51 12.91
C VAL A 111 4.51 -19.72 13.54
N PHE A 112 4.93 -20.14 14.73
CA PHE A 112 6.08 -19.51 15.40
C PHE A 112 7.22 -20.52 15.51
N VAL A 113 8.38 -20.13 14.97
CA VAL A 113 9.55 -21.00 14.99
C VAL A 113 10.61 -20.43 15.92
N SER A 114 10.96 -21.21 16.94
CA SER A 114 12.02 -20.86 17.89
C SER A 114 13.23 -21.73 17.60
N ASP A 115 14.26 -21.14 17.02
CA ASP A 115 15.36 -21.92 16.44
C ASP A 115 16.65 -21.64 17.20
N SER A 116 17.08 -22.61 18.00
CA SER A 116 18.25 -22.43 18.86
C SER A 116 19.55 -22.45 18.06
N LYS A 117 19.59 -23.20 16.97
CA LYS A 117 20.82 -23.28 16.19
C LYS A 117 21.14 -21.95 15.51
N ASP A 118 20.15 -21.33 14.88
CA ASP A 118 20.37 -20.02 14.26
C ASP A 118 20.08 -18.87 15.22
N LYS A 119 19.71 -19.21 16.46
CA LYS A 119 19.33 -18.23 17.48
C LYS A 119 18.31 -17.23 16.96
N THR A 120 17.26 -17.74 16.33
CA THR A 120 16.32 -16.87 15.64
C THR A 120 14.89 -17.26 15.96
N TYR A 121 14.07 -16.25 16.22
CA TYR A 121 12.64 -16.43 16.45
C TYR A 121 11.88 -15.85 15.25
N THR A 122 11.04 -16.65 14.62
CA THR A 122 10.34 -16.23 13.42
C THR A 122 8.83 -16.46 13.54
N MET A 123 8.05 -15.44 13.18
CA MET A 123 6.59 -15.54 13.24
C MET A 123 5.95 -15.41 11.87
N TYR A 124 5.09 -16.36 11.53
CA TYR A 124 4.28 -16.27 10.33
C TYR A 124 2.81 -16.20 10.72
N VAL A 125 2.03 -15.37 10.04
CA VAL A 125 0.57 -15.42 10.20
C VAL A 125 -0.10 -15.39 8.83
N ASN A 126 -0.98 -16.36 8.59
CA ASN A 126 -1.66 -16.49 7.30
C ASN A 126 -0.70 -16.55 6.09
N GLY A 127 0.41 -17.25 6.27
CA GLY A 127 1.35 -17.48 5.18
C GLY A 127 2.29 -16.31 4.93
N ILE A 128 2.33 -15.39 5.88
CA ILE A 128 3.11 -14.18 5.77
C ILE A 128 4.07 -14.07 6.94
N GLU A 129 5.36 -13.92 6.64
CA GLU A 129 6.37 -13.75 7.68
C GLU A 129 6.25 -12.33 8.22
N VAL A 130 5.91 -12.18 9.50
CA VAL A 130 5.71 -10.83 10.04
C VAL A 130 6.90 -10.36 10.86
N PHE A 131 7.68 -11.29 11.39
CA PHE A 131 8.97 -10.95 11.95
C PHE A 131 9.94 -12.13 12.04
N SER A 132 11.23 -11.80 12.03
CA SER A 132 12.28 -12.79 12.15
C SER A 132 13.43 -12.12 12.88
N GLU A 133 13.65 -12.52 14.13
CA GLU A 133 14.61 -11.82 14.96
C GLU A 133 15.74 -12.72 15.44
N THR A 134 16.97 -12.30 15.19
CA THR A 134 18.15 -13.06 15.66
C THR A 134 18.68 -12.38 16.92
N VAL A 135 19.10 -13.16 17.91
CA VAL A 135 19.63 -12.60 19.16
C VAL A 135 21.00 -13.16 19.50
N ASP A 136 21.76 -12.45 20.33
CA ASP A 136 23.06 -12.94 20.74
C ASP A 136 22.90 -14.04 21.77
N THR A 137 21.98 -13.82 22.72
CA THR A 137 21.73 -14.80 23.77
C THR A 137 20.36 -15.45 23.58
N PHE A 138 20.35 -16.68 23.08
CA PHE A 138 19.09 -17.35 22.78
C PHE A 138 18.44 -17.90 24.04
N LEU A 139 17.13 -17.71 24.14
CA LEU A 139 16.34 -18.30 25.23
C LEU A 139 15.31 -19.29 24.67
N PRO A 140 15.58 -20.59 24.84
CA PRO A 140 14.59 -21.58 24.40
C PRO A 140 13.32 -21.39 25.24
N ILE A 141 12.16 -21.56 24.61
CA ILE A 141 10.90 -21.18 25.24
C ILE A 141 10.51 -22.07 26.41
N SER A 142 11.07 -23.28 26.43
CA SER A 142 10.76 -24.23 27.49
C SER A 142 11.96 -24.43 28.41
N ASN A 143 12.99 -23.61 28.22
CA ASN A 143 14.15 -23.65 29.10
C ASN A 143 14.11 -22.47 30.08
N ILE A 144 12.95 -21.81 30.14
CA ILE A 144 12.73 -20.76 31.11
C ILE A 144 12.68 -21.36 32.52
N ASN A 145 13.45 -20.77 33.43
CA ASN A 145 13.63 -21.31 34.77
C ASN A 145 12.31 -21.53 35.54
N GLY A 146 12.01 -22.80 35.84
CA GLY A 146 10.87 -23.16 36.67
C GLY A 146 9.50 -23.21 36.01
N ILE A 147 9.45 -23.40 34.70
CA ILE A 147 8.16 -23.45 34.02
C ILE A 147 7.32 -24.60 34.57
N ASP A 148 6.08 -24.31 34.96
CA ASP A 148 5.21 -25.36 35.51
C ASP A 148 3.79 -25.32 34.97
N LYS A 149 3.53 -24.42 34.02
CA LYS A 149 2.21 -24.30 33.40
C LYS A 149 2.29 -24.12 31.87
N ALA A 150 1.44 -24.86 31.16
CA ALA A 150 1.16 -24.61 29.75
C ALA A 150 -0.31 -24.22 29.65
N THR A 151 -0.57 -23.06 29.07
CA THR A 151 -1.88 -22.41 29.18
C THR A 151 -2.39 -21.88 27.84
N LEU A 152 -3.66 -22.12 27.56
CA LEU A 152 -4.31 -21.49 26.42
C LEU A 152 -5.25 -20.38 26.88
N GLY A 153 -5.14 -19.22 26.26
CA GLY A 153 -6.08 -18.13 26.52
C GLY A 153 -5.75 -17.29 27.73
N ALA A 154 -4.56 -17.50 28.30
CA ALA A 154 -4.02 -16.61 29.35
C ALA A 154 -2.59 -16.99 29.64
N VAL A 155 -1.94 -16.20 30.49
CA VAL A 155 -0.64 -16.57 31.03
C VAL A 155 -0.80 -16.63 32.54
N ASN A 156 -0.42 -17.77 33.14
CA ASN A 156 -0.52 -17.92 34.59
C ASN A 156 0.69 -17.28 35.25
N ARG A 157 0.49 -16.12 35.87
CA ARG A 157 1.55 -15.46 36.64
C ARG A 157 1.18 -15.44 38.13
N GLU A 158 2.00 -16.08 38.95
CA GLU A 158 1.78 -16.15 40.38
C GLU A 158 0.37 -16.64 40.71
N GLY A 159 -0.11 -17.62 39.95
CA GLY A 159 -1.40 -18.23 40.20
C GLY A 159 -2.63 -17.45 39.69
N LYS A 160 -2.41 -16.37 38.96
CA LYS A 160 -3.52 -15.61 38.40
C LYS A 160 -3.49 -15.53 36.88
N GLU A 161 -4.68 -15.42 36.28
CA GLU A 161 -4.84 -15.36 34.83
C GLU A 161 -4.58 -13.95 34.29
N HIS A 162 -3.45 -13.78 33.61
CA HIS A 162 -3.14 -12.52 32.96
C HIS A 162 -3.44 -12.64 31.47
N TYR A 163 -3.79 -11.51 30.85
CA TYR A 163 -4.00 -11.46 29.40
C TYR A 163 -5.11 -12.40 28.93
N LEU A 164 -6.20 -12.46 29.70
CA LEU A 164 -7.34 -13.33 29.40
C LEU A 164 -7.85 -13.11 27.99
N ALA A 165 -8.04 -14.23 27.27
CA ALA A 165 -8.42 -14.16 25.86
C ALA A 165 -9.90 -14.44 25.64
N LYS A 166 -10.45 -13.77 24.62
CA LYS A 166 -11.72 -14.16 24.03
C LYS A 166 -11.47 -14.56 22.58
N GLY A 167 -11.82 -15.80 22.24
CA GLY A 167 -11.61 -16.30 20.89
C GLY A 167 -11.70 -17.81 20.93
N SER A 168 -11.11 -18.46 19.92
CA SER A 168 -11.06 -19.91 19.92
C SER A 168 -9.77 -20.40 19.28
N ILE A 169 -9.24 -21.48 19.81
CA ILE A 169 -8.14 -22.17 19.17
C ILE A 169 -8.63 -23.48 18.57
N ASP A 170 -8.86 -23.47 17.27
CA ASP A 170 -9.44 -24.62 16.59
C ASP A 170 -8.45 -25.75 16.39
N GLU A 171 -7.16 -25.41 16.31
CA GLU A 171 -6.11 -26.42 16.22
C GLU A 171 -4.77 -25.86 16.72
N ILE A 172 -4.07 -26.67 17.51
CA ILE A 172 -2.74 -26.29 17.97
C ILE A 172 -1.84 -27.51 17.97
N SER A 173 -0.63 -27.34 17.45
CA SER A 173 0.36 -28.40 17.39
C SER A 173 1.68 -27.82 17.82
N LEU A 174 2.47 -28.60 18.53
CA LEU A 174 3.83 -28.21 18.90
C LEU A 174 4.81 -29.28 18.49
N PHE A 175 6.01 -28.86 18.10
CA PHE A 175 7.02 -29.77 17.59
C PHE A 175 8.34 -29.43 18.26
N ASN A 176 9.10 -30.46 18.62
CA ASN A 176 10.45 -30.27 19.15
C ASN A 176 11.46 -30.12 18.02
N LYS A 177 11.23 -29.13 17.18
CA LYS A 177 12.07 -28.87 16.03
C LYS A 177 11.76 -27.47 15.52
N ALA A 178 12.75 -26.82 14.94
CA ALA A 178 12.52 -25.55 14.25
C ALA A 178 12.27 -25.90 12.79
N ILE A 179 11.01 -25.96 12.37
CA ILE A 179 10.72 -26.35 10.99
C ILE A 179 11.17 -25.29 9.98
N SER A 180 11.64 -25.73 8.83
CA SER A 180 12.22 -24.82 7.84
C SER A 180 11.15 -23.94 7.20
N ASP A 181 11.61 -22.83 6.63
CA ASP A 181 10.76 -21.95 5.84
C ASP A 181 10.01 -22.76 4.77
N GLN A 182 10.71 -23.69 4.14
CA GLN A 182 10.13 -24.52 3.08
C GLN A 182 8.97 -25.35 3.61
N GLU A 183 9.17 -25.93 4.79
CA GLU A 183 8.12 -26.75 5.39
C GLU A 183 6.93 -25.90 5.86
N VAL A 184 7.23 -24.70 6.37
CA VAL A 184 6.16 -23.77 6.74
C VAL A 184 5.23 -23.49 5.57
N SER A 185 5.82 -23.32 4.39
CA SER A 185 5.05 -23.00 3.19
C SER A 185 4.09 -24.13 2.76
N THR A 186 4.29 -25.34 3.29
CA THR A 186 3.41 -26.47 2.98
C THR A 186 2.17 -26.57 3.89
N ILE A 187 2.22 -25.86 5.02
CA ILE A 187 1.10 -25.85 5.97
C ILE A 187 -0.14 -25.19 5.36
N PRO A 188 -1.26 -25.93 5.31
CA PRO A 188 -2.50 -25.45 4.67
C PRO A 188 -3.06 -24.21 5.35
N LEU A 189 -3.59 -23.29 4.55
CA LEU A 189 -4.08 -22.02 5.07
C LEU A 189 -5.57 -21.88 4.88
N SER A 190 -6.18 -20.95 5.59
CA SER A 190 -7.61 -20.70 5.42
C SER A 190 -7.80 -19.20 5.24
N ASN A 191 -7.05 -18.61 4.31
CA ASN A 191 -7.05 -17.15 4.17
C ASN A 191 -8.26 -16.66 3.42
N PRO A 192 -8.81 -15.50 3.86
CA PRO A 192 -9.93 -14.88 3.16
C PRO A 192 -9.46 -13.95 2.07
N PHE A 193 -8.14 -13.78 1.93
CA PHE A 193 -7.57 -12.83 1.01
C PHE A 193 -6.53 -13.48 0.11
N GLN A 194 -6.09 -12.75 -0.91
CA GLN A 194 -4.94 -13.18 -1.70
C GLN A 194 -4.03 -11.99 -1.91
N LEU A 195 -2.79 -12.25 -2.32
CA LEU A 195 -1.85 -11.18 -2.62
C LEU A 195 -1.71 -11.09 -4.13
N ILE A 196 -1.64 -9.86 -4.65
CA ILE A 196 -1.36 -9.64 -6.06
C ILE A 196 0.11 -9.24 -6.11
N PHE A 197 0.48 -8.26 -5.30
CA PHE A 197 1.88 -7.83 -5.17
C PHE A 197 2.37 -8.31 -3.82
N GLN A 198 3.62 -8.75 -3.74
CA GLN A 198 4.13 -9.31 -2.49
C GLN A 198 5.65 -9.30 -2.43
N SER A 199 6.18 -9.27 -1.20
CA SER A 199 7.60 -9.25 -0.96
C SER A 199 8.24 -10.44 -1.68
N GLY A 200 9.30 -10.18 -2.45
CA GLY A 200 10.02 -11.25 -3.12
C GLY A 200 9.53 -11.48 -4.54
N ASP A 201 8.51 -10.75 -4.95
CA ASP A 201 8.03 -10.90 -6.33
C ASP A 201 8.96 -10.17 -7.30
N SER A 202 8.55 -10.05 -8.55
CA SER A 202 9.40 -9.51 -9.60
C SER A 202 9.84 -8.06 -9.37
N THR A 203 9.11 -7.32 -8.54
CA THR A 203 9.44 -5.92 -8.31
C THR A 203 10.65 -5.80 -7.40
N GLN A 204 10.86 -6.83 -6.59
CA GLN A 204 11.88 -6.79 -5.52
C GLN A 204 11.69 -5.65 -4.51
N ALA A 205 10.49 -5.07 -4.47
CA ALA A 205 10.17 -4.11 -3.41
C ALA A 205 9.65 -4.88 -2.21
N ASN A 206 10.12 -4.53 -1.01
CA ASN A 206 9.63 -5.22 0.17
C ASN A 206 8.29 -4.64 0.60
N TYR A 207 7.92 -3.50 0.03
CA TYR A 207 6.72 -2.77 0.47
C TYR A 207 5.88 -2.28 -0.69
N PHE A 208 4.58 -2.12 -0.44
CA PHE A 208 3.63 -1.64 -1.45
C PHE A 208 2.60 -0.71 -0.82
N ARG A 209 2.17 0.27 -1.58
CA ARG A 209 1.14 1.20 -1.15
C ARG A 209 0.38 1.71 -2.37
N ILE A 210 -0.77 2.31 -2.12
CA ILE A 210 -1.54 2.99 -3.15
C ILE A 210 -2.05 2.05 -4.26
N PRO A 211 -2.91 1.09 -3.91
CA PRO A 211 -3.42 0.13 -4.90
C PRO A 211 -4.43 0.78 -5.83
N THR A 212 -4.53 0.28 -7.07
CA THR A 212 -5.61 0.64 -8.00
C THR A 212 -6.18 -0.63 -8.61
N LEU A 213 -7.41 -0.54 -9.12
CA LEU A 213 -8.05 -1.63 -9.87
C LEU A 213 -8.91 -1.02 -10.95
N TYR A 214 -8.93 -1.66 -12.11
CA TYR A 214 -9.74 -1.17 -13.22
C TYR A 214 -10.15 -2.36 -14.07
N THR A 215 -11.42 -2.40 -14.45
CA THR A 215 -11.94 -3.51 -15.25
C THR A 215 -11.95 -3.11 -16.71
N LEU A 216 -11.18 -3.83 -17.52
CA LEU A 216 -11.02 -3.52 -18.93
C LEU A 216 -12.10 -4.18 -19.79
N SER A 217 -12.30 -3.66 -21.00
CA SER A 217 -13.40 -4.14 -21.86
C SER A 217 -13.27 -5.62 -22.27
N SER A 218 -12.04 -6.14 -22.29
CA SER A 218 -11.81 -7.54 -22.66
C SER A 218 -12.26 -8.49 -21.55
N GLY A 219 -12.42 -7.95 -20.34
CA GLY A 219 -12.71 -8.78 -19.18
C GLY A 219 -11.49 -8.91 -18.29
N ARG A 220 -10.33 -8.51 -18.81
CA ARG A 220 -9.14 -8.46 -17.98
C ARG A 220 -9.32 -7.42 -16.89
N VAL A 221 -8.84 -7.73 -15.69
CA VAL A 221 -8.86 -6.75 -14.60
C VAL A 221 -7.43 -6.32 -14.35
N LEU A 222 -7.19 -5.01 -14.35
CA LEU A 222 -5.84 -4.51 -14.21
C LEU A 222 -5.64 -3.79 -12.87
N SER A 223 -4.47 -4.00 -12.27
CA SER A 223 -4.12 -3.35 -11.02
C SER A 223 -2.77 -2.64 -11.13
N SER A 224 -2.67 -1.46 -10.51
CA SER A 224 -1.39 -0.79 -10.40
C SER A 224 -1.10 -0.49 -8.93
N ILE A 225 0.15 -0.13 -8.63
CA ILE A 225 0.54 0.07 -7.25
C ILE A 225 1.90 0.77 -7.17
N ASP A 226 2.15 1.46 -6.06
CA ASP A 226 3.48 1.96 -5.74
C ASP A 226 4.31 0.78 -5.25
N ALA A 227 5.35 0.40 -5.99
CA ALA A 227 6.31 -0.56 -5.42
C ALA A 227 7.36 0.25 -4.64
N ARG A 228 7.26 0.27 -3.31
CA ARG A 228 8.11 1.16 -2.51
C ARG A 228 9.28 0.42 -1.85
N TYR A 229 10.48 0.89 -2.14
CA TYR A 229 11.70 0.19 -1.73
C TYR A 229 12.23 0.61 -0.37
N GLY A 230 12.19 1.91 -0.10
CA GLY A 230 12.78 2.44 1.13
C GLY A 230 11.77 2.50 2.26
N GLY A 231 11.19 1.34 2.60
CA GLY A 231 10.09 1.31 3.55
C GLY A 231 8.83 1.82 2.88
N THR A 232 7.83 2.17 3.67
CA THR A 232 6.54 2.62 3.14
C THR A 232 6.48 4.14 2.95
N HIS A 233 7.60 4.81 3.16
CA HIS A 233 7.68 6.27 3.08
C HIS A 233 7.21 6.78 1.72
N ASP A 234 6.54 7.95 1.70
CA ASP A 234 6.25 8.63 0.44
C ASP A 234 7.58 9.13 -0.12
N SER A 235 7.58 9.54 -1.38
CA SER A 235 8.71 10.29 -1.94
C SER A 235 9.01 11.47 -1.01
N LYS A 236 10.28 11.84 -0.80
CA LYS A 236 11.46 11.27 -1.48
C LYS A 236 11.77 9.83 -1.04
N SER A 237 12.06 8.97 -2.01
CA SER A 237 12.38 7.56 -1.78
C SER A 237 12.77 6.94 -3.11
N LYS A 238 12.91 5.62 -3.15
CA LYS A 238 12.86 4.94 -4.43
C LYS A 238 11.50 4.27 -4.50
N ILE A 239 10.72 4.63 -5.50
CA ILE A 239 9.43 4.00 -5.76
C ILE A 239 9.26 3.86 -7.27
N ASN A 240 8.82 2.68 -7.71
CA ASN A 240 8.40 2.44 -9.10
C ASN A 240 6.89 2.15 -9.11
N ILE A 241 6.27 2.23 -10.29
CA ILE A 241 4.89 1.81 -10.46
C ILE A 241 4.84 0.44 -11.11
N ALA A 242 4.21 -0.51 -10.43
CA ALA A 242 4.09 -1.88 -10.98
C ALA A 242 2.63 -2.19 -11.30
N THR A 243 2.43 -3.14 -12.21
CA THR A 243 1.08 -3.56 -12.60
C THR A 243 1.00 -5.09 -12.68
N SER A 244 -0.21 -5.62 -12.55
CA SER A 244 -0.49 -7.05 -12.63
C SER A 244 -1.92 -7.12 -13.11
N TYR A 245 -2.28 -8.17 -13.82
CA TYR A 245 -3.67 -8.29 -14.28
C TYR A 245 -4.21 -9.67 -14.01
N SER A 246 -5.54 -9.80 -14.06
CA SER A 246 -6.21 -11.08 -13.91
C SER A 246 -7.16 -11.31 -15.08
N ASP A 247 -7.10 -12.48 -15.71
CA ASP A 247 -8.04 -12.81 -16.77
C ASP A 247 -9.13 -13.77 -16.32
N ASP A 248 -9.16 -14.05 -15.02
CA ASP A 248 -10.14 -15.02 -14.53
C ASP A 248 -10.94 -14.49 -13.34
N ASN A 249 -11.41 -13.24 -13.47
CA ASN A 249 -12.21 -12.58 -12.43
C ASN A 249 -11.50 -12.46 -11.08
N GLY A 250 -10.19 -12.29 -11.08
CA GLY A 250 -9.44 -12.04 -9.86
C GLY A 250 -8.95 -13.29 -9.13
N LYS A 251 -9.25 -14.47 -9.68
CA LYS A 251 -8.78 -15.71 -9.08
C LYS A 251 -7.25 -15.82 -9.07
N THR A 252 -6.62 -15.49 -10.19
CA THR A 252 -5.16 -15.52 -10.30
C THR A 252 -4.66 -14.25 -10.97
N TRP A 253 -3.42 -13.89 -10.66
CA TRP A 253 -2.85 -12.61 -11.10
C TRP A 253 -1.49 -12.84 -11.72
N SER A 254 -1.15 -12.05 -12.74
CA SER A 254 0.12 -12.22 -13.43
C SER A 254 1.28 -11.73 -12.58
N GLU A 255 2.48 -12.26 -12.85
CA GLU A 255 3.67 -11.72 -12.19
C GLU A 255 3.82 -10.25 -12.58
N PRO A 256 4.08 -9.38 -11.59
CA PRO A 256 4.12 -7.93 -11.87
C PRO A 256 5.17 -7.52 -12.89
N ILE A 257 4.86 -6.46 -13.65
CA ILE A 257 5.84 -5.79 -14.47
C ILE A 257 5.85 -4.32 -14.07
N PHE A 258 6.84 -3.57 -14.53
CA PHE A 258 6.87 -2.13 -14.26
C PHE A 258 6.15 -1.33 -15.32
N ALA A 259 5.30 -0.40 -14.90
CA ALA A 259 4.73 0.55 -15.85
C ALA A 259 5.60 1.80 -15.92
N MET A 260 6.24 2.12 -14.79
CA MET A 260 7.13 3.28 -14.68
C MET A 260 8.25 2.96 -13.73
N LYS A 261 9.48 3.10 -14.20
CA LYS A 261 10.64 2.69 -13.42
C LYS A 261 11.82 3.63 -13.65
N PHE A 262 12.59 3.90 -12.59
CA PHE A 262 13.85 4.62 -12.73
C PHE A 262 14.95 3.63 -12.32
N ASN A 263 16.20 3.86 -12.75
CA ASN A 263 17.27 2.93 -12.39
C ASN A 263 18.51 3.59 -11.78
N ASP A 264 18.36 4.82 -11.29
CA ASP A 264 19.49 5.50 -10.67
C ASP A 264 19.87 4.78 -9.37
N TYR A 265 18.90 4.08 -8.79
CA TYR A 265 19.16 3.24 -7.60
C TYR A 265 18.75 1.81 -7.90
N GLU A 266 19.46 0.85 -7.32
CA GLU A 266 19.14 -0.57 -7.49
C GLU A 266 17.75 -0.92 -6.93
N GLU A 267 17.10 -1.89 -7.55
CA GLU A 267 15.86 -2.43 -7.00
C GLU A 267 16.22 -3.44 -5.89
N GLN A 268 16.19 -2.99 -4.63
CA GLN A 268 16.60 -3.86 -3.53
C GLN A 268 15.44 -4.20 -2.59
N LEU A 269 15.35 -5.47 -2.21
CA LEU A 269 14.41 -5.88 -1.19
C LEU A 269 15.09 -5.65 0.16
N VAL A 270 14.65 -4.63 0.87
CA VAL A 270 15.32 -4.27 2.11
C VAL A 270 14.36 -4.37 3.29
N TYR A 271 14.84 -4.93 4.40
CA TYR A 271 14.05 -4.94 5.63
C TYR A 271 14.30 -3.63 6.35
N TRP A 272 13.36 -2.69 6.18
CA TRP A 272 13.53 -1.35 6.72
C TRP A 272 13.36 -1.32 8.25
N PRO A 273 14.23 -0.58 8.95
CA PRO A 273 14.13 -0.61 10.42
C PRO A 273 12.84 -0.01 10.94
N ARG A 274 12.29 -0.62 11.99
CA ARG A 274 11.05 -0.14 12.60
C ARG A 274 11.24 0.43 14.00
N ASP A 275 12.49 0.53 14.45
CA ASP A 275 12.74 1.10 15.77
C ASP A 275 12.66 2.63 15.71
N ASN A 276 12.44 3.26 16.86
CA ASN A 276 12.22 4.70 16.94
C ASN A 276 13.41 5.58 16.59
N LYS A 277 14.61 5.01 16.59
CA LYS A 277 15.77 5.78 16.15
C LYS A 277 15.91 5.86 14.63
N LEU A 278 15.65 4.76 13.93
CA LEU A 278 15.94 4.67 12.50
C LEU A 278 14.73 4.60 11.55
N LYS A 279 13.53 4.45 12.07
CA LYS A 279 12.38 4.17 11.20
C LYS A 279 12.11 5.27 10.18
N ASN A 280 12.55 6.49 10.49
CA ASN A 280 12.36 7.62 9.57
C ASN A 280 13.48 7.74 8.55
N SER A 281 14.46 6.83 8.60
CA SER A 281 15.45 6.71 7.54
C SER A 281 14.73 6.67 6.19
N GLN A 282 15.28 7.41 5.22
CA GLN A 282 14.57 7.66 3.98
C GLN A 282 15.57 7.79 2.84
N ILE A 283 15.36 7.02 1.77
CA ILE A 283 16.24 7.12 0.61
C ILE A 283 16.10 8.52 0.02
N SER A 284 17.22 9.24 -0.02
CA SER A 284 17.19 10.70 -0.15
C SER A 284 17.82 11.21 -1.43
N GLY A 285 18.38 10.29 -2.23
CA GLY A 285 18.98 10.69 -3.49
C GLY A 285 18.41 10.03 -4.73
N SER A 286 17.30 9.32 -4.57
CA SER A 286 16.70 8.58 -5.70
C SER A 286 15.54 9.35 -6.34
N ALA A 287 15.38 9.19 -7.64
CA ALA A 287 14.17 9.66 -8.31
C ALA A 287 13.08 8.61 -8.06
N SER A 288 11.81 9.00 -8.21
CA SER A 288 10.71 8.08 -7.92
C SER A 288 9.40 8.45 -8.61
N PHE A 289 8.49 7.47 -8.65
CA PHE A 289 7.11 7.70 -9.10
C PHE A 289 6.20 7.47 -7.90
N ILE A 290 5.03 8.09 -7.88
CA ILE A 290 4.14 7.92 -6.74
C ILE A 290 2.72 8.28 -7.11
N ASP A 291 1.77 7.48 -6.62
CA ASP A 291 0.33 7.69 -6.81
C ASP A 291 -0.10 7.51 -8.25
N SER A 292 -0.53 6.31 -8.62
CA SER A 292 -0.92 6.06 -10.00
C SER A 292 -2.42 5.99 -10.16
N SER A 293 -2.86 6.14 -11.41
CA SER A 293 -4.29 6.07 -11.76
C SER A 293 -4.39 5.47 -13.16
N ILE A 294 -5.44 4.67 -13.40
CA ILE A 294 -5.60 3.94 -14.66
C ILE A 294 -6.93 4.29 -15.32
N VAL A 295 -6.95 4.36 -16.65
CA VAL A 295 -8.21 4.41 -17.40
C VAL A 295 -8.06 3.64 -18.71
N GLU A 296 -9.19 3.22 -19.29
CA GLU A 296 -9.16 2.59 -20.61
C GLU A 296 -9.83 3.50 -21.65
N ASP A 297 -9.21 3.61 -22.82
CA ASP A 297 -9.75 4.46 -23.88
C ASP A 297 -10.50 3.63 -24.92
N LYS A 298 -11.80 3.90 -25.07
CA LYS A 298 -12.66 3.14 -25.98
C LYS A 298 -12.23 3.30 -27.42
N LYS A 299 -11.84 4.52 -27.78
CA LYS A 299 -11.45 4.82 -29.16
C LYS A 299 -10.26 3.98 -29.62
N SER A 300 -9.10 4.21 -29.01
CA SER A 300 -7.87 3.55 -29.45
C SER A 300 -7.72 2.15 -28.88
N GLY A 301 -8.51 1.84 -27.86
CA GLY A 301 -8.35 0.58 -27.15
C GLY A 301 -7.15 0.56 -26.22
N LYS A 302 -6.41 1.66 -26.15
CA LYS A 302 -5.24 1.74 -25.28
C LYS A 302 -5.63 1.87 -23.81
N THR A 303 -4.79 1.30 -22.95
CA THR A 303 -4.86 1.52 -21.51
C THR A 303 -3.91 2.67 -21.21
N ILE A 304 -4.35 3.61 -20.37
CA ILE A 304 -3.53 4.76 -20.03
C ILE A 304 -3.30 4.83 -18.53
N LEU A 305 -2.04 5.06 -18.14
CA LEU A 305 -1.65 5.12 -16.74
C LEU A 305 -0.84 6.39 -16.47
N LEU A 306 -1.30 7.17 -15.50
CA LEU A 306 -0.61 8.37 -15.06
C LEU A 306 -0.06 8.14 -13.65
N ALA A 307 1.00 8.86 -13.28
CA ALA A 307 1.50 8.87 -11.91
C ALA A 307 2.30 10.13 -11.70
N ASP A 308 2.46 10.57 -10.45
CA ASP A 308 3.38 11.67 -10.18
C ASP A 308 4.82 11.20 -10.44
N VAL A 309 5.68 12.13 -10.86
CA VAL A 309 7.10 11.83 -11.05
C VAL A 309 7.91 12.78 -10.19
N MET A 310 8.86 12.22 -9.43
CA MET A 310 9.71 13.03 -8.55
C MET A 310 11.16 12.89 -8.94
N PRO A 311 11.84 14.03 -9.17
CA PRO A 311 13.28 14.01 -9.42
C PRO A 311 13.99 13.58 -8.15
N ALA A 312 15.27 13.24 -8.29
CA ALA A 312 16.08 12.72 -7.21
C ALA A 312 15.98 13.57 -5.96
N GLY A 313 15.70 12.92 -4.83
CA GLY A 313 15.63 13.62 -3.54
C GLY A 313 14.38 14.47 -3.37
N ILE A 314 13.44 14.38 -4.31
CA ILE A 314 12.23 15.21 -4.24
C ILE A 314 10.97 14.43 -3.86
N GLY A 315 10.14 15.06 -3.03
CA GLY A 315 8.81 14.58 -2.69
C GLY A 315 7.90 15.78 -2.52
N ASN A 316 6.64 15.55 -2.11
CA ASN A 316 5.71 16.68 -1.98
C ASN A 316 6.09 17.71 -0.90
N ASN A 317 6.90 17.31 0.07
CA ASN A 317 7.38 18.21 1.14
C ASN A 317 8.40 19.26 0.67
N ASN A 318 9.23 18.91 -0.31
CA ASN A 318 10.29 19.85 -0.72
C ASN A 318 10.23 20.25 -2.18
N ALA A 319 9.22 19.76 -2.89
CA ALA A 319 9.01 20.15 -4.28
C ALA A 319 8.84 21.66 -4.33
N ASN A 320 9.45 22.30 -5.31
CA ASN A 320 9.33 23.75 -5.44
C ASN A 320 7.92 24.12 -5.90
N LYS A 321 7.16 24.77 -5.01
CA LYS A 321 5.75 25.06 -5.30
C LYS A 321 5.56 26.21 -6.30
N ALA A 322 6.60 27.00 -6.48
CA ALA A 322 6.53 28.19 -7.32
C ALA A 322 7.16 27.99 -8.70
N ASP A 323 7.35 26.74 -9.10
CA ASP A 323 7.98 26.45 -10.40
C ASP A 323 7.39 25.21 -11.04
N SER A 324 6.81 25.37 -12.22
CA SER A 324 6.26 24.24 -12.98
C SER A 324 7.36 23.35 -13.53
N GLY A 325 8.57 23.89 -13.65
CA GLY A 325 9.67 23.17 -14.25
C GLY A 325 9.68 23.30 -15.76
N PHE A 326 8.73 24.05 -16.31
CA PHE A 326 8.68 24.30 -17.75
C PHE A 326 8.86 25.77 -18.04
N LYS A 327 9.47 26.07 -19.19
CA LYS A 327 9.53 27.44 -19.68
C LYS A 327 8.47 27.61 -20.77
N GLU A 328 7.72 28.70 -20.69
CA GLU A 328 6.74 29.02 -21.72
C GLU A 328 7.36 29.98 -22.74
N ILE A 329 7.50 29.49 -23.97
CA ILE A 329 8.00 30.28 -25.08
C ILE A 329 6.97 30.19 -26.19
N ASN A 330 6.34 31.33 -26.50
CA ASN A 330 5.08 31.37 -27.26
C ASN A 330 4.00 30.65 -26.46
N GLY A 331 3.10 29.93 -27.13
CA GLY A 331 2.04 29.22 -26.44
C GLY A 331 2.48 27.82 -26.05
N HIS A 332 3.79 27.57 -26.10
CA HIS A 332 4.34 26.24 -25.91
C HIS A 332 5.16 26.09 -24.64
N TYR A 333 5.18 24.88 -24.09
CA TYR A 333 5.89 24.60 -22.85
C TYR A 333 7.08 23.64 -23.02
N TYR A 334 8.26 24.08 -22.58
CA TYR A 334 9.48 23.28 -22.73
C TYR A 334 10.16 23.00 -21.39
N LEU A 335 10.52 21.74 -21.17
CA LEU A 335 11.15 21.32 -19.91
C LEU A 335 12.49 22.01 -19.72
N LYS A 336 12.68 22.61 -18.55
CA LYS A 336 13.92 23.31 -18.24
C LYS A 336 14.99 22.34 -17.71
N LEU A 337 16.25 22.63 -18.02
CA LEU A 337 17.38 21.82 -17.56
C LEU A 337 18.50 22.70 -16.99
N LYS A 338 19.13 22.24 -15.92
CA LYS A 338 20.32 22.89 -15.40
C LYS A 338 21.53 22.00 -15.67
N LYS A 339 22.58 22.57 -16.25
CA LYS A 339 23.78 21.79 -16.54
C LYS A 339 24.76 21.85 -15.36
N ASN A 340 25.52 20.78 -15.19
CA ASN A 340 26.55 20.68 -14.16
C ASN A 340 27.43 21.93 -14.09
N GLY A 341 27.35 22.64 -12.97
CA GLY A 341 28.20 23.81 -12.74
C GLY A 341 27.46 25.13 -12.81
N ASP A 342 26.33 25.15 -13.52
CA ASP A 342 25.51 26.35 -13.60
C ASP A 342 24.66 26.51 -12.34
N ASN A 343 24.42 27.75 -11.94
CA ASN A 343 23.60 28.01 -10.78
C ASN A 343 22.18 28.44 -11.17
N ASP A 344 21.95 28.54 -12.48
CA ASP A 344 20.61 28.78 -13.01
C ASP A 344 20.25 27.72 -14.04
N PHE A 345 18.97 27.64 -14.41
CA PHE A 345 18.55 26.72 -15.47
C PHE A 345 18.67 27.41 -16.83
N ARG A 346 19.74 27.12 -17.57
CA ARG A 346 20.01 27.87 -18.78
C ARG A 346 19.67 27.10 -20.04
N TYR A 347 18.98 25.98 -19.87
CA TYR A 347 18.63 25.13 -20.99
C TYR A 347 17.15 24.76 -21.01
N THR A 348 16.68 24.32 -22.18
CA THR A 348 15.34 23.78 -22.34
C THR A 348 15.41 22.59 -23.28
N VAL A 349 14.40 21.73 -23.21
CA VAL A 349 14.25 20.60 -24.12
C VAL A 349 13.18 20.99 -25.14
N ARG A 350 13.55 21.03 -26.43
CA ARG A 350 12.61 21.40 -27.48
C ARG A 350 12.15 20.20 -28.26
N GLU A 351 11.49 20.48 -29.39
CA GLU A 351 10.98 19.43 -30.26
C GLU A 351 12.11 18.47 -30.66
N ASN A 352 11.77 17.19 -30.72
CA ASN A 352 12.73 16.12 -31.03
C ASN A 352 13.84 16.02 -29.99
N GLY A 353 13.55 16.49 -28.78
CA GLY A 353 14.45 16.32 -27.65
C GLY A 353 15.73 17.11 -27.73
N VAL A 354 15.81 18.03 -28.68
CA VAL A 354 16.98 18.88 -28.82
C VAL A 354 17.18 19.74 -27.58
N VAL A 355 18.36 19.64 -26.97
CA VAL A 355 18.66 20.46 -25.80
C VAL A 355 19.14 21.82 -26.26
N TYR A 356 18.37 22.85 -25.93
CA TYR A 356 18.62 24.21 -26.38
C TYR A 356 19.20 25.05 -25.27
N ASN A 357 20.10 25.96 -25.64
CA ASN A 357 20.72 26.87 -24.68
C ASN A 357 19.99 28.21 -24.64
N GLU A 358 19.31 28.50 -23.54
CA GLU A 358 18.49 29.71 -23.47
C GLU A 358 19.30 31.01 -23.45
N THR A 359 20.53 30.95 -22.96
CA THR A 359 21.35 32.16 -22.80
C THR A 359 21.90 32.67 -24.15
N THR A 360 21.92 31.80 -25.14
CA THR A 360 22.45 32.15 -26.46
C THR A 360 21.58 31.61 -27.59
N ASN A 361 20.49 30.95 -27.20
CA ASN A 361 19.53 30.38 -28.16
C ASN A 361 20.10 29.45 -29.23
N LYS A 362 21.30 28.92 -28.98
CA LYS A 362 21.89 27.93 -29.87
C LYS A 362 21.39 26.55 -29.44
N PRO A 363 21.25 25.63 -30.39
CA PRO A 363 21.03 24.25 -29.94
C PRO A 363 22.38 23.65 -29.54
N THR A 364 22.39 22.70 -28.61
CA THR A 364 23.64 22.09 -28.16
C THR A 364 23.86 20.80 -28.93
N ASN A 365 24.91 20.06 -28.59
CA ASN A 365 25.08 18.74 -29.19
C ASN A 365 24.40 17.64 -28.34
N TYR A 366 23.55 18.07 -27.41
CA TYR A 366 22.85 17.14 -26.53
C TYR A 366 21.39 16.95 -26.95
N THR A 367 20.88 15.73 -26.81
CA THR A 367 19.47 15.47 -27.02
C THR A 367 18.91 14.61 -25.89
N ILE A 368 17.59 14.74 -25.66
CA ILE A 368 16.89 13.89 -24.70
C ILE A 368 16.03 12.87 -25.45
N ASN A 369 16.28 11.57 -25.24
CA ASN A 369 15.48 10.55 -25.92
C ASN A 369 14.10 10.31 -25.28
N ASP A 370 13.42 9.24 -25.69
N ASP A 370 13.43 9.22 -25.68
CA ASP A 370 12.05 8.99 -25.24
CA ASP A 370 12.07 8.95 -25.25
C ASP A 370 11.97 8.43 -23.81
C ASP A 370 11.97 8.37 -23.84
N LYS A 371 13.12 8.14 -23.21
CA LYS A 371 13.15 7.65 -21.84
C LYS A 371 13.70 8.74 -20.93
N TYR A 372 13.72 9.97 -21.45
CA TYR A 372 14.30 11.12 -20.75
C TYR A 372 15.76 10.90 -20.38
N GLU A 373 16.45 10.15 -21.24
CA GLU A 373 17.88 9.92 -21.09
C GLU A 373 18.71 10.90 -21.94
N VAL A 374 19.91 11.21 -21.47
CA VAL A 374 20.77 12.18 -22.13
C VAL A 374 21.70 11.53 -23.15
N LEU A 375 21.69 12.08 -24.36
CA LEU A 375 22.58 11.66 -25.44
C LEU A 375 23.51 12.81 -25.77
N GLU A 376 24.77 12.50 -26.06
CA GLU A 376 25.69 13.52 -26.61
C GLU A 376 26.18 13.06 -27.97
N GLY A 377 25.81 13.81 -29.00
CA GLY A 377 26.14 13.46 -30.37
C GLY A 377 25.56 12.10 -30.73
N GLY A 378 24.42 11.76 -30.13
CA GLY A 378 23.74 10.51 -30.42
C GLY A 378 24.22 9.33 -29.57
N LYS A 379 25.27 9.54 -28.78
CA LYS A 379 25.79 8.50 -27.89
C LYS A 379 25.17 8.61 -26.49
N SER A 380 24.78 7.46 -25.95
CA SER A 380 24.21 7.37 -24.61
C SER A 380 25.22 7.69 -23.51
N LEU A 381 24.94 8.71 -22.71
CA LEU A 381 25.73 8.95 -21.52
C LEU A 381 25.22 8.06 -20.39
N THR A 382 26.08 7.76 -19.42
CA THR A 382 25.69 6.93 -18.28
C THR A 382 26.06 7.57 -16.94
N VAL A 383 25.45 7.06 -15.87
CA VAL A 383 25.85 7.41 -14.51
C VAL A 383 25.99 6.11 -13.76
N GLU A 384 26.67 6.16 -12.62
CA GLU A 384 26.85 5.00 -11.79
C GLU A 384 25.65 4.88 -10.84
N GLN A 385 25.11 3.67 -10.75
CA GLN A 385 23.94 3.39 -9.94
C GLN A 385 24.31 3.44 -8.46
N TYR A 386 23.32 3.71 -7.60
CA TYR A 386 23.48 3.63 -6.15
C TYR A 386 22.75 2.41 -5.58
N SER A 387 23.27 1.87 -4.48
CA SER A 387 22.55 0.89 -3.65
C SER A 387 22.50 1.42 -2.22
N VAL A 388 21.59 0.88 -1.41
CA VAL A 388 21.47 1.32 -0.02
C VAL A 388 21.73 0.15 0.92
N ASP A 389 22.17 0.46 2.14
CA ASP A 389 22.41 -0.55 3.18
C ASP A 389 22.41 0.08 4.56
N PHE A 390 22.17 -0.73 5.60
CA PHE A 390 22.25 -0.26 6.98
C PHE A 390 23.39 -0.97 7.73
N ASP A 391 24.42 -1.40 7.00
CA ASP A 391 25.49 -2.21 7.60
C ASP A 391 26.28 -1.48 8.68
N SER A 392 26.39 -0.16 8.53
CA SER A 392 27.12 0.66 9.49
C SER A 392 26.22 1.15 10.62
N GLY A 393 24.97 0.72 10.63
CA GLY A 393 24.07 1.10 11.70
C GLY A 393 23.17 2.29 11.40
N SER A 394 23.37 2.90 10.23
CA SER A 394 22.44 3.91 9.75
C SER A 394 22.37 3.81 8.22
N LEU A 395 21.45 4.54 7.60
CA LEU A 395 21.25 4.39 6.16
C LEU A 395 22.43 4.98 5.38
N ARG A 396 22.96 4.20 4.46
CA ARG A 396 24.01 4.68 3.57
C ARG A 396 23.57 4.51 2.13
N GLU A 397 23.79 5.53 1.31
CA GLU A 397 23.52 5.43 -0.13
C GLU A 397 24.82 5.62 -0.89
N ARG A 398 25.24 4.60 -1.62
CA ARG A 398 26.56 4.65 -2.25
C ARG A 398 26.66 3.97 -3.60
N HIS A 399 27.60 4.45 -4.41
CA HIS A 399 27.80 3.89 -5.75
C HIS A 399 28.13 2.40 -5.72
N ASN A 400 27.59 1.65 -6.68
CA ASN A 400 27.68 0.20 -6.64
C ASN A 400 28.48 -0.43 -7.78
N GLY A 401 29.05 0.39 -8.66
CA GLY A 401 29.93 -0.08 -9.72
C GLY A 401 29.23 -0.26 -11.06
N LYS A 402 27.90 -0.22 -11.04
CA LYS A 402 27.11 -0.45 -12.24
C LYS A 402 26.70 0.84 -12.97
N GLN A 403 26.88 0.87 -14.28
CA GLN A 403 26.47 2.03 -15.07
C GLN A 403 25.06 1.84 -15.64
N VAL A 404 24.30 2.93 -15.66
CA VAL A 404 22.94 2.94 -16.21
C VAL A 404 22.75 4.21 -17.02
N PRO A 405 21.81 4.19 -17.98
CA PRO A 405 21.54 5.38 -18.81
C PRO A 405 21.36 6.64 -17.96
N MET A 406 22.01 7.74 -18.38
CA MET A 406 21.91 8.99 -17.64
C MET A 406 20.54 9.65 -17.89
N ASN A 407 19.77 9.85 -16.81
CA ASN A 407 18.40 10.39 -16.94
C ASN A 407 18.30 11.76 -16.30
N VAL A 408 17.59 12.69 -16.96
CA VAL A 408 17.52 14.06 -16.45
C VAL A 408 16.85 14.16 -15.06
N PHE A 409 16.20 13.09 -14.62
CA PHE A 409 15.58 13.08 -13.28
C PHE A 409 16.55 12.59 -12.20
N TYR A 410 17.77 12.23 -12.61
CA TYR A 410 18.75 11.65 -11.69
C TYR A 410 19.61 12.68 -10.96
N LYS A 411 20.13 12.29 -9.79
CA LYS A 411 21.05 13.16 -9.05
C LYS A 411 22.39 13.39 -9.77
N ASP A 412 22.88 12.36 -10.44
CA ASP A 412 24.23 12.37 -11.01
C ASP A 412 24.23 12.84 -12.47
N SER A 413 23.08 13.29 -12.95
CA SER A 413 22.96 13.67 -14.37
C SER A 413 23.65 14.99 -14.73
N LEU A 414 24.23 15.01 -15.91
CA LEU A 414 24.84 16.22 -16.49
C LEU A 414 23.80 17.33 -16.62
N PHE A 415 22.60 16.95 -17.03
CA PHE A 415 21.47 17.88 -17.13
C PHE A 415 20.37 17.44 -16.18
N LYS A 416 19.85 18.39 -15.40
CA LYS A 416 18.90 18.07 -14.34
C LYS A 416 17.64 18.91 -14.46
N VAL A 417 16.49 18.28 -14.21
CA VAL A 417 15.22 19.00 -14.24
C VAL A 417 15.05 19.82 -12.98
N THR A 418 14.02 20.65 -12.96
CA THR A 418 13.68 21.47 -11.81
C THR A 418 13.22 20.58 -10.64
N PRO A 419 13.73 20.85 -9.43
CA PRO A 419 13.36 20.01 -8.28
C PRO A 419 11.92 20.26 -7.84
N THR A 420 10.96 19.72 -8.60
CA THR A 420 9.54 19.90 -8.32
C THR A 420 8.81 18.65 -8.78
N ASN A 421 7.50 18.57 -8.50
CA ASN A 421 6.72 17.39 -8.87
C ASN A 421 6.08 17.54 -10.24
N TYR A 422 6.06 16.43 -11.01
CA TYR A 422 5.47 16.41 -12.35
C TYR A 422 4.40 15.32 -12.42
N ILE A 423 3.68 15.27 -13.52
CA ILE A 423 2.79 14.15 -13.81
C ILE A 423 3.25 13.58 -15.14
N ALA A 424 3.38 12.25 -15.20
CA ALA A 424 3.66 11.58 -16.46
C ALA A 424 2.53 10.62 -16.80
N MET A 425 2.49 10.22 -18.07
CA MET A 425 1.57 9.19 -18.56
C MET A 425 2.38 8.13 -19.30
N THR A 426 1.90 6.89 -19.25
CA THR A 426 2.36 5.84 -20.16
C THR A 426 1.13 5.14 -20.72
N THR A 427 1.32 4.42 -21.83
CA THR A 427 0.18 3.72 -22.43
C THR A 427 0.56 2.26 -22.71
N SER A 428 -0.44 1.38 -22.69
CA SER A 428 -0.23 0.00 -23.09
C SER A 428 -1.13 -0.34 -24.25
N GLN A 429 -0.60 -1.06 -25.23
CA GLN A 429 -1.41 -1.46 -26.38
C GLN A 429 -1.81 -2.92 -26.28
N ASN A 430 -1.41 -3.58 -25.20
CA ASN A 430 -1.75 -4.98 -25.01
C ASN A 430 -2.32 -5.21 -23.61
N ARG A 431 -3.11 -4.23 -23.15
CA ARG A 431 -3.81 -4.31 -21.88
C ARG A 431 -2.93 -4.71 -20.70
N GLY A 432 -1.74 -4.08 -20.61
CA GLY A 432 -0.91 -4.24 -19.43
C GLY A 432 0.18 -5.30 -19.49
N GLU A 433 0.37 -5.89 -20.68
CA GLU A 433 1.46 -6.84 -20.88
C GLU A 433 2.81 -6.12 -21.03
N SER A 434 2.77 -4.91 -21.57
CA SER A 434 3.95 -4.05 -21.64
C SER A 434 3.48 -2.61 -21.61
N TRP A 435 4.36 -1.72 -21.16
CA TRP A 435 4.05 -0.31 -21.08
C TRP A 435 5.07 0.49 -21.88
N GLU A 436 4.61 1.53 -22.56
CA GLU A 436 5.49 2.44 -23.27
C GLU A 436 6.39 3.20 -22.32
N GLN A 437 7.34 3.94 -22.87
CA GLN A 437 8.11 4.88 -22.10
C GLN A 437 7.22 6.08 -21.75
N PHE A 438 7.39 6.64 -20.56
CA PHE A 438 6.42 7.64 -20.11
C PHE A 438 6.63 9.01 -20.75
N LYS A 439 5.57 9.81 -20.85
CA LYS A 439 5.69 11.21 -21.27
C LYS A 439 5.21 12.16 -20.17
N LEU A 440 5.91 13.27 -19.97
CA LEU A 440 5.44 14.27 -18.99
C LEU A 440 4.21 14.99 -19.54
N LEU A 441 3.21 15.21 -18.69
CA LEU A 441 2.10 16.07 -19.06
C LEU A 441 2.58 17.52 -18.96
N PRO A 442 1.95 18.42 -19.74
CA PRO A 442 2.39 19.81 -19.65
C PRO A 442 1.84 20.43 -18.38
N PRO A 443 2.35 21.62 -18.00
CA PRO A 443 1.81 22.24 -16.79
C PRO A 443 0.43 22.85 -17.08
N PHE A 444 -0.43 22.90 -16.07
CA PHE A 444 -1.81 23.36 -16.27
C PHE A 444 -2.13 24.67 -15.57
N LEU A 445 -1.33 25.04 -14.58
CA LEU A 445 -1.61 26.23 -13.79
C LEU A 445 -0.51 27.29 -13.93
N GLY A 446 0.15 27.32 -15.08
CA GLY A 446 1.12 28.35 -15.34
C GLY A 446 2.57 27.98 -15.08
N GLU A 447 3.45 28.92 -15.44
CA GLU A 447 4.89 28.69 -15.46
C GLU A 447 5.44 28.56 -14.05
N LYS A 448 4.86 29.31 -13.12
CA LYS A 448 5.41 29.40 -11.77
C LYS A 448 4.50 28.77 -10.71
N HIS A 449 3.87 27.65 -11.06
CA HIS A 449 3.08 26.86 -10.12
C HIS A 449 3.49 25.40 -10.27
N ASN A 450 3.79 24.71 -9.16
CA ASN A 450 4.16 23.31 -9.29
C ASN A 450 3.00 22.49 -9.87
N GLY A 451 3.28 21.27 -10.32
CA GLY A 451 2.24 20.45 -10.90
C GLY A 451 1.22 20.07 -9.85
N THR A 452 0.03 19.69 -10.31
CA THR A 452 -0.97 19.16 -9.42
C THR A 452 -0.60 17.74 -9.04
N TYR A 453 -1.35 17.17 -8.11
CA TYR A 453 -1.06 15.82 -7.65
C TYR A 453 -2.15 14.87 -8.14
N LEU A 454 -1.74 13.77 -8.77
CA LEU A 454 -2.70 12.82 -9.29
C LEU A 454 -3.51 12.18 -8.16
N CYS A 455 -4.82 12.08 -8.35
CA CYS A 455 -5.65 11.32 -7.42
C CYS A 455 -5.53 9.85 -7.75
N PRO A 456 -5.03 9.05 -6.79
CA PRO A 456 -4.77 7.64 -7.06
C PRO A 456 -6.06 6.89 -7.27
N GLY A 457 -6.04 5.88 -8.14
CA GLY A 457 -7.19 5.03 -8.37
C GLY A 457 -7.50 4.88 -9.84
N GLN A 458 -8.70 5.30 -10.22
CA GLN A 458 -9.14 5.18 -11.60
C GLN A 458 -9.33 6.57 -12.21
N GLY A 459 -9.04 6.68 -13.50
CA GLY A 459 -9.52 7.81 -14.27
C GLY A 459 -10.92 7.44 -14.70
N LEU A 460 -11.63 8.36 -15.36
CA LEU A 460 -13.00 8.09 -15.79
C LEU A 460 -13.10 8.16 -17.31
N ALA A 461 -13.61 7.09 -17.89
CA ALA A 461 -13.98 7.04 -19.31
C ALA A 461 -15.49 7.21 -19.41
N LEU A 462 -15.94 8.27 -20.08
CA LEU A 462 -17.38 8.52 -20.18
C LEU A 462 -18.04 7.53 -21.12
N LYS A 463 -19.28 7.14 -20.81
CA LYS A 463 -19.95 6.06 -21.53
C LYS A 463 -20.40 6.46 -22.94
N SER A 464 -20.77 7.72 -23.10
CA SER A 464 -21.38 8.14 -24.35
C SER A 464 -20.48 8.98 -25.23
N SER A 465 -19.19 8.97 -24.92
CA SER A 465 -18.20 9.70 -25.74
C SER A 465 -16.80 9.10 -25.58
N ASN A 466 -15.81 9.77 -26.15
CA ASN A 466 -14.42 9.34 -25.99
C ASN A 466 -13.67 10.15 -24.92
N ARG A 467 -14.39 10.96 -24.16
CA ARG A 467 -13.76 11.80 -23.12
C ARG A 467 -13.10 10.99 -22.01
N LEU A 468 -11.85 11.36 -21.70
CA LEU A 468 -11.10 10.75 -20.60
C LEU A 468 -10.80 11.80 -19.57
N ILE A 469 -11.06 11.49 -18.30
CA ILE A 469 -10.80 12.47 -17.25
C ILE A 469 -10.00 11.83 -16.11
N PHE A 470 -8.96 12.54 -15.70
CA PHE A 470 -8.19 12.19 -14.52
C PHE A 470 -8.28 13.34 -13.53
N ALA A 471 -8.77 13.03 -12.32
CA ALA A 471 -8.83 14.04 -11.27
C ALA A 471 -7.43 14.25 -10.70
N THR A 472 -7.10 15.50 -10.41
CA THR A 472 -5.87 15.82 -9.67
C THR A 472 -6.22 16.88 -8.64
N TYR A 473 -5.35 17.05 -7.64
CA TYR A 473 -5.58 18.10 -6.63
C TYR A 473 -4.38 19.02 -6.43
N THR A 474 -4.66 20.24 -5.99
CA THR A 474 -3.62 21.14 -5.55
C THR A 474 -4.24 22.04 -4.49
N SER A 475 -3.47 23.02 -3.99
CA SER A 475 -4.01 23.91 -2.98
C SER A 475 -5.21 24.68 -3.55
N GLY A 476 -6.34 24.60 -2.85
CA GLY A 476 -7.52 25.37 -3.21
C GLY A 476 -8.42 24.81 -4.29
N GLU A 477 -8.06 23.68 -4.90
CA GLU A 477 -8.93 23.14 -5.95
C GLU A 477 -8.69 21.70 -6.38
N LEU A 478 -9.72 21.12 -6.98
CA LEU A 478 -9.57 19.94 -7.82
C LEU A 478 -9.30 20.43 -9.22
N THR A 479 -8.31 19.83 -9.85
CA THR A 479 -7.96 20.18 -11.22
C THR A 479 -8.14 18.92 -12.08
N TYR A 480 -9.28 18.85 -12.76
CA TYR A 480 -9.57 17.70 -13.60
C TYR A 480 -8.83 17.83 -14.91
N LEU A 481 -8.13 16.77 -15.29
CA LEU A 481 -7.42 16.75 -16.56
C LEU A 481 -8.30 16.01 -17.56
N ILE A 482 -8.60 16.68 -18.67
CA ILE A 482 -9.55 16.14 -19.64
C ILE A 482 -8.93 15.95 -21.01
N SER A 483 -9.10 14.75 -21.59
CA SER A 483 -8.64 14.49 -22.94
C SER A 483 -9.76 13.91 -23.80
N ASP A 484 -9.87 14.42 -25.04
CA ASP A 484 -10.85 13.91 -25.98
C ASP A 484 -10.20 13.17 -27.15
N ASP A 485 -8.87 13.03 -27.10
CA ASP A 485 -8.13 12.36 -28.18
C ASP A 485 -7.13 11.32 -27.66
N SER A 486 -7.61 10.38 -26.84
CA SER A 486 -6.80 9.26 -26.36
C SER A 486 -5.57 9.71 -25.60
N GLY A 487 -5.68 10.80 -24.85
CA GLY A 487 -4.57 11.24 -24.02
C GLY A 487 -3.43 11.90 -24.75
N GLN A 488 -3.65 12.26 -26.02
CA GLN A 488 -2.65 13.00 -26.76
C GLN A 488 -2.53 14.45 -26.25
N THR A 489 -3.66 15.09 -26.01
CA THR A 489 -3.67 16.45 -25.49
C THR A 489 -4.62 16.50 -24.31
N TRP A 490 -4.31 17.39 -23.37
CA TRP A 490 -5.09 17.53 -22.15
C TRP A 490 -5.42 18.98 -21.90
N LYS A 491 -6.57 19.21 -21.25
CA LYS A 491 -6.93 20.54 -20.77
C LYS A 491 -7.43 20.40 -19.34
N LYS A 492 -7.40 21.49 -18.58
CA LYS A 492 -7.82 21.43 -17.20
C LYS A 492 -9.24 21.93 -17.04
N SER A 493 -9.94 21.37 -16.07
CA SER A 493 -11.17 21.99 -15.60
C SER A 493 -11.00 22.15 -14.10
N SER A 494 -10.94 23.39 -13.64
CA SER A 494 -10.69 23.67 -12.23
C SER A 494 -12.00 23.77 -11.46
N ALA A 495 -12.00 23.21 -10.25
CA ALA A 495 -13.18 23.26 -9.38
C ALA A 495 -12.75 23.68 -7.98
N SER A 496 -13.05 24.92 -7.62
CA SER A 496 -12.66 25.44 -6.31
C SER A 496 -13.22 24.60 -5.16
N ILE A 497 -12.40 24.40 -4.12
CA ILE A 497 -12.87 23.70 -2.94
C ILE A 497 -12.57 24.55 -1.69
N PRO A 498 -13.45 24.47 -0.66
CA PRO A 498 -13.40 25.33 0.53
C PRO A 498 -12.37 24.91 1.57
N PHE A 499 -11.25 24.33 1.15
CA PHE A 499 -10.15 24.03 2.07
C PHE A 499 -8.91 24.50 1.35
N LYS A 500 -7.98 25.09 2.08
CA LYS A 500 -6.68 25.34 1.49
C LYS A 500 -5.70 24.29 1.99
N ASN A 501 -4.70 24.02 1.17
CA ASN A 501 -3.78 22.89 1.38
C ASN A 501 -4.46 21.63 1.92
N ALA A 502 -5.35 21.09 1.09
CA ALA A 502 -6.01 19.84 1.37
C ALA A 502 -5.31 18.75 0.58
N THR A 503 -5.50 17.51 1.02
CA THR A 503 -5.16 16.35 0.22
C THR A 503 -6.48 15.84 -0.36
N ALA A 504 -7.00 16.54 -1.37
CA ALA A 504 -8.33 16.28 -1.89
C ALA A 504 -8.31 15.16 -2.90
N GLU A 505 -7.89 13.99 -2.45
CA GLU A 505 -7.87 12.80 -3.31
C GLU A 505 -9.30 12.49 -3.69
N ALA A 506 -9.56 12.47 -4.99
CA ALA A 506 -10.92 12.44 -5.53
C ALA A 506 -11.08 11.28 -6.49
N GLN A 507 -12.22 10.61 -6.42
CA GLN A 507 -12.59 9.59 -7.41
C GLN A 507 -13.99 9.86 -7.95
N MET A 508 -14.20 9.55 -9.23
CA MET A 508 -15.44 9.92 -9.92
C MET A 508 -16.28 8.70 -10.31
N VAL A 509 -17.60 8.90 -10.36
CA VAL A 509 -18.50 7.93 -10.98
C VAL A 509 -19.42 8.68 -11.93
N GLU A 510 -19.78 8.04 -13.04
CA GLU A 510 -20.78 8.61 -13.94
C GLU A 510 -22.16 8.10 -13.51
N LEU A 511 -22.98 8.97 -12.91
CA LEU A 511 -24.31 8.56 -12.46
C LEU A 511 -25.24 8.23 -13.63
N ARG A 512 -25.19 9.06 -14.66
CA ARG A 512 -25.92 8.83 -15.90
C ARG A 512 -25.20 9.65 -16.94
N ASP A 513 -25.58 9.47 -18.20
CA ASP A 513 -24.92 10.13 -19.33
C ASP A 513 -24.58 11.60 -19.07
N GLY A 514 -23.29 11.91 -19.00
CA GLY A 514 -22.81 13.28 -18.84
C GLY A 514 -22.80 13.81 -17.41
N VAL A 515 -23.32 13.01 -16.47
CA VAL A 515 -23.39 13.43 -15.09
C VAL A 515 -22.32 12.69 -14.29
N ILE A 516 -21.39 13.47 -13.74
CA ILE A 516 -20.29 12.90 -12.98
C ILE A 516 -20.39 13.33 -11.52
N ARG A 517 -20.38 12.38 -10.60
CA ARG A 517 -20.19 12.75 -9.20
C ARG A 517 -18.78 12.35 -8.75
N THR A 518 -18.13 13.31 -8.12
CA THR A 518 -16.78 13.12 -7.62
C THR A 518 -16.84 13.07 -6.10
N PHE A 519 -16.30 12.00 -5.51
CA PHE A 519 -16.19 11.93 -4.06
C PHE A 519 -14.74 12.19 -3.67
N PHE A 520 -14.52 13.01 -2.64
CA PHE A 520 -13.15 13.32 -2.26
C PHE A 520 -12.88 13.52 -0.78
N ARG A 521 -11.61 13.29 -0.43
CA ARG A 521 -11.07 13.44 0.92
C ARG A 521 -10.98 14.92 1.28
N THR A 522 -11.22 15.24 2.54
CA THR A 522 -11.10 16.62 3.01
C THR A 522 -10.36 16.69 4.33
N THR A 523 -10.46 17.83 5.00
CA THR A 523 -9.82 18.02 6.29
C THR A 523 -10.88 18.19 7.38
N THR A 524 -12.13 17.85 7.07
CA THR A 524 -13.25 18.08 8.00
C THR A 524 -13.75 16.85 8.75
N GLY A 525 -13.19 15.68 8.42
CA GLY A 525 -13.68 14.42 8.97
C GLY A 525 -14.88 13.84 8.20
N LYS A 526 -15.29 14.53 7.15
CA LYS A 526 -16.35 14.04 6.28
C LYS A 526 -15.89 13.98 4.83
N ILE A 527 -16.35 12.95 4.12
CA ILE A 527 -16.10 12.83 2.69
C ILE A 527 -16.99 13.86 1.99
N ALA A 528 -16.44 14.55 1.00
CA ALA A 528 -17.19 15.56 0.25
C ALA A 528 -17.54 15.04 -1.13
N TYR A 529 -18.39 15.78 -1.84
CA TYR A 529 -18.65 15.48 -3.24
C TYR A 529 -19.06 16.73 -3.99
N MET A 530 -18.93 16.68 -5.30
CA MET A 530 -19.42 17.74 -6.18
C MET A 530 -19.89 17.05 -7.44
N THR A 531 -20.72 17.74 -8.23
CA THR A 531 -21.33 17.13 -9.39
C THR A 531 -21.09 17.96 -10.65
N SER A 532 -20.84 17.27 -11.75
CA SER A 532 -20.80 17.92 -13.05
C SER A 532 -21.89 17.34 -13.92
N ARG A 533 -22.56 18.20 -14.69
CA ARG A 533 -23.63 17.74 -15.58
C ARG A 533 -23.32 17.96 -17.04
N ASP A 534 -22.09 18.38 -17.33
CA ASP A 534 -21.70 18.61 -18.72
C ASP A 534 -20.39 17.90 -19.02
N SER A 535 -20.31 16.64 -18.60
CA SER A 535 -19.13 15.80 -18.83
C SER A 535 -17.84 16.45 -18.33
N GLY A 536 -17.92 17.17 -17.22
CA GLY A 536 -16.72 17.71 -16.57
C GLY A 536 -16.30 19.13 -16.93
N GLU A 537 -17.06 19.79 -17.80
CA GLU A 537 -16.75 21.18 -18.13
C GLU A 537 -16.92 22.07 -16.90
N THR A 538 -18.03 21.92 -16.20
CA THR A 538 -18.31 22.75 -15.03
C THR A 538 -18.67 21.90 -13.82
N TRP A 539 -18.48 22.47 -12.63
CA TRP A 539 -18.66 21.73 -11.39
C TRP A 539 -19.51 22.48 -10.35
N SER A 540 -20.38 21.75 -9.65
CA SER A 540 -21.25 22.31 -8.61
C SER A 540 -20.45 22.72 -7.38
N LYS A 541 -21.12 23.37 -6.43
CA LYS A 541 -20.53 23.60 -5.12
C LYS A 541 -20.31 22.25 -4.44
N VAL A 542 -19.64 22.26 -3.29
CA VAL A 542 -19.24 21.06 -2.57
C VAL A 542 -20.26 20.70 -1.47
N SER A 543 -20.66 19.43 -1.41
CA SER A 543 -21.50 18.98 -0.32
C SER A 543 -20.75 17.92 0.46
N TYR A 544 -21.31 17.50 1.59
CA TYR A 544 -20.67 16.49 2.41
C TYR A 544 -21.60 15.31 2.66
N ILE A 545 -21.01 14.14 2.85
CA ILE A 545 -21.77 12.96 3.25
C ILE A 545 -21.71 12.82 4.77
N ASP A 546 -22.88 12.74 5.41
CA ASP A 546 -22.93 12.32 6.80
C ASP A 546 -23.14 10.82 6.78
N GLY A 547 -22.79 10.15 7.88
CA GLY A 547 -23.01 8.72 7.95
C GLY A 547 -21.72 7.94 7.76
N ILE A 548 -20.68 8.64 7.32
CA ILE A 548 -19.34 8.06 7.28
C ILE A 548 -18.40 9.04 7.95
N GLN A 549 -17.57 8.53 8.85
CA GLN A 549 -16.57 9.36 9.52
C GLN A 549 -15.18 9.09 8.99
N GLN A 550 -14.41 10.16 8.77
CA GLN A 550 -12.98 10.00 8.58
C GLN A 550 -12.25 10.78 9.66
N THR A 551 -10.94 10.61 9.71
CA THR A 551 -10.11 11.41 10.61
C THR A 551 -9.98 12.82 10.03
N SER A 552 -9.49 13.73 10.88
CA SER A 552 -9.21 15.10 10.48
C SER A 552 -8.32 15.16 9.26
N TYR A 553 -7.35 14.25 9.18
CA TYR A 553 -6.41 14.29 8.05
C TYR A 553 -6.96 13.55 6.83
N GLY A 554 -7.82 12.57 7.08
CA GLY A 554 -8.54 11.91 5.99
C GLY A 554 -7.77 10.78 5.34
N THR A 555 -8.47 10.05 4.47
CA THR A 555 -7.92 8.91 3.75
C THR A 555 -8.56 8.89 2.38
N GLN A 556 -7.82 8.44 1.36
CA GLN A 556 -8.38 8.23 0.03
C GLN A 556 -9.66 7.41 0.08
N VAL A 557 -10.61 7.75 -0.78
CA VAL A 557 -11.87 7.03 -0.89
C VAL A 557 -12.00 6.55 -2.33
N SER A 558 -12.31 5.28 -2.53
CA SER A 558 -12.53 4.81 -3.89
C SER A 558 -14.01 4.64 -4.15
N ALA A 559 -14.41 4.69 -5.41
CA ALA A 559 -15.83 4.78 -5.74
C ALA A 559 -16.13 4.26 -7.14
N ILE A 560 -17.18 3.45 -7.25
CA ILE A 560 -17.62 2.96 -8.53
C ILE A 560 -19.13 3.08 -8.66
N LYS A 561 -19.60 3.07 -9.91
CA LYS A 561 -21.01 2.93 -10.20
C LYS A 561 -21.25 1.47 -10.55
N TYR A 562 -22.13 0.80 -9.79
CA TYR A 562 -22.40 -0.62 -10.04
C TYR A 562 -23.25 -0.80 -11.31
N SER A 563 -22.97 -1.82 -12.12
CA SER A 563 -23.66 -1.96 -13.41
C SER A 563 -25.09 -2.48 -13.25
N GLN A 564 -25.40 -3.06 -12.08
CA GLN A 564 -26.70 -3.71 -11.90
C GLN A 564 -27.52 -2.91 -10.91
N LEU A 565 -28.84 -3.05 -10.99
CA LEU A 565 -29.74 -2.40 -10.05
C LEU A 565 -29.68 -3.11 -8.71
N ILE A 566 -29.88 -2.35 -7.65
CA ILE A 566 -29.95 -2.92 -6.31
C ILE A 566 -31.21 -2.37 -5.68
N ASP A 567 -32.04 -3.24 -5.13
CA ASP A 567 -33.34 -2.85 -4.59
C ASP A 567 -34.12 -2.01 -5.62
N GLY A 568 -33.90 -2.31 -6.90
CA GLY A 568 -34.59 -1.63 -7.99
C GLY A 568 -34.00 -0.28 -8.39
N LYS A 569 -32.87 0.09 -7.81
CA LYS A 569 -32.30 1.41 -8.06
C LYS A 569 -30.86 1.34 -8.53
N GLU A 570 -30.40 2.42 -9.16
CA GLU A 570 -29.01 2.54 -9.57
C GLU A 570 -28.16 2.70 -8.31
N ALA A 571 -26.99 2.08 -8.32
CA ALA A 571 -26.18 1.99 -7.10
C ALA A 571 -24.77 2.50 -7.32
N VAL A 572 -24.24 3.16 -6.28
CA VAL A 572 -22.88 3.63 -6.23
C VAL A 572 -22.27 2.95 -5.00
N ILE A 573 -21.01 2.53 -5.11
CA ILE A 573 -20.33 1.88 -3.99
C ILE A 573 -19.06 2.64 -3.61
N LEU A 574 -18.96 3.00 -2.33
CA LEU A 574 -17.78 3.70 -1.78
C LEU A 574 -16.97 2.77 -0.90
N SER A 575 -15.66 2.96 -0.87
CA SER A 575 -14.74 2.16 -0.06
C SER A 575 -13.85 3.13 0.70
N THR A 576 -13.83 3.01 2.02
CA THR A 576 -13.19 3.98 2.89
C THR A 576 -13.10 3.43 4.31
N PRO A 577 -12.10 3.86 5.08
CA PRO A 577 -12.22 3.59 6.51
C PRO A 577 -13.43 4.37 7.04
N ASN A 578 -14.09 3.85 8.06
CA ASN A 578 -15.15 4.60 8.74
C ASN A 578 -14.77 4.70 10.19
N SER A 579 -14.04 5.76 10.53
CA SER A 579 -13.47 5.93 11.85
C SER A 579 -13.00 7.37 12.01
N ARG A 580 -13.20 7.94 13.19
CA ARG A 580 -12.68 9.26 13.45
C ARG A 580 -11.39 9.16 14.26
N SER A 581 -10.95 7.93 14.55
CA SER A 581 -9.74 7.71 15.35
C SER A 581 -8.48 7.44 14.52
N GLY A 582 -8.59 6.58 13.53
CA GLY A 582 -7.45 6.27 12.69
C GLY A 582 -7.89 5.70 11.36
N ARG A 583 -6.95 5.09 10.64
CA ARG A 583 -7.30 4.43 9.36
C ARG A 583 -7.63 2.98 9.66
N LYS A 584 -8.89 2.77 10.05
CA LYS A 584 -9.37 1.45 10.43
C LYS A 584 -10.87 1.42 10.27
N GLY A 585 -11.50 0.29 10.56
CA GLY A 585 -12.93 0.17 10.38
C GLY A 585 -13.31 0.29 8.91
N GLY A 586 -12.66 -0.52 8.07
CA GLY A 586 -12.92 -0.48 6.65
C GLY A 586 -14.35 -0.87 6.30
N GLN A 587 -14.96 -0.10 5.40
CA GLN A 587 -16.30 -0.42 4.92
C GLN A 587 -16.45 -0.26 3.41
N LEU A 588 -17.39 -1.02 2.85
CA LEU A 588 -17.95 -0.64 1.56
C LEU A 588 -19.32 -0.05 1.90
N VAL A 589 -19.65 1.10 1.34
CA VAL A 589 -20.95 1.72 1.62
C VAL A 589 -21.76 1.75 0.31
N VAL A 590 -22.93 1.13 0.35
CA VAL A 590 -23.76 1.04 -0.85
C VAL A 590 -24.81 2.15 -0.85
N GLY A 591 -24.81 2.94 -1.92
CA GLY A 591 -25.75 4.06 -2.04
C GLY A 591 -26.69 3.87 -3.21
N LEU A 592 -27.99 4.07 -2.97
CA LEU A 592 -28.97 3.98 -4.05
C LEU A 592 -29.29 5.39 -4.54
N VAL A 593 -29.31 5.55 -5.86
CA VAL A 593 -29.49 6.85 -6.49
C VAL A 593 -30.97 7.21 -6.64
N ASN A 594 -31.34 8.39 -6.15
CA ASN A 594 -32.68 8.92 -6.33
C ASN A 594 -32.78 9.66 -7.67
N LYS A 595 -33.48 9.05 -8.62
CA LYS A 595 -33.54 9.55 -9.99
C LYS A 595 -34.11 10.96 -10.13
N GLU A 596 -34.95 11.38 -9.18
CA GLU A 596 -35.56 12.71 -9.26
C GLU A 596 -34.56 13.84 -9.16
N ASP A 597 -33.56 13.67 -8.29
CA ASP A 597 -32.62 14.76 -8.02
C ASP A 597 -31.15 14.32 -7.94
N ASP A 598 -30.89 13.04 -8.23
CA ASP A 598 -29.52 12.50 -8.20
C ASP A 598 -28.87 12.49 -6.82
N SER A 599 -29.70 12.61 -5.79
CA SER A 599 -29.23 12.43 -4.42
C SER A 599 -28.98 10.96 -4.19
N ILE A 600 -28.23 10.64 -3.15
CA ILE A 600 -27.88 9.25 -2.90
C ILE A 600 -28.25 8.85 -1.49
N ASP A 601 -29.04 7.79 -1.36
CA ASP A 601 -29.36 7.24 -0.05
C ASP A 601 -28.36 6.15 0.30
N TRP A 602 -27.45 6.46 1.23
CA TRP A 602 -26.47 5.50 1.70
C TRP A 602 -27.15 4.48 2.60
N LYS A 603 -27.53 3.34 2.01
CA LYS A 603 -28.44 2.39 2.64
C LYS A 603 -27.76 1.20 3.34
N TYR A 604 -26.66 0.71 2.78
CA TYR A 604 -25.97 -0.44 3.34
C TYR A 604 -24.51 -0.11 3.66
N HIS A 605 -24.05 -0.58 4.82
CA HIS A 605 -22.64 -0.49 5.20
C HIS A 605 -22.12 -1.91 5.39
N TYR A 606 -21.09 -2.29 4.63
CA TYR A 606 -20.46 -3.59 4.84
C TYR A 606 -19.12 -3.46 5.54
N GLY A 607 -19.01 -4.13 6.67
CA GLY A 607 -17.83 -4.10 7.50
C GLY A 607 -16.77 -5.06 6.93
N ILE A 608 -15.68 -4.51 6.39
CA ILE A 608 -14.64 -5.36 5.74
C ILE A 608 -13.91 -6.30 6.72
N ASP A 609 -13.65 -5.79 7.91
CA ASP A 609 -13.13 -6.57 9.04
C ASP A 609 -13.44 -5.69 10.25
N LEU A 610 -12.96 -6.08 11.42
CA LEU A 610 -13.26 -5.38 12.69
C LEU A 610 -13.05 -3.87 12.63
N PRO A 611 -13.85 -3.11 13.43
CA PRO A 611 -13.68 -1.65 13.47
C PRO A 611 -12.28 -1.24 13.92
N SER A 612 -11.62 -2.09 14.71
CA SER A 612 -10.31 -1.72 15.25
C SER A 612 -9.15 -2.14 14.35
N TYR A 613 -9.44 -2.93 13.32
CA TYR A 613 -8.39 -3.43 12.41
C TYR A 613 -8.15 -2.46 11.25
N GLY A 614 -6.91 -2.38 10.78
CA GLY A 614 -6.50 -1.35 9.84
C GLY A 614 -7.11 -1.41 8.46
N TYR A 615 -7.37 -0.25 7.89
CA TYR A 615 -7.89 -0.13 6.54
C TYR A 615 -7.57 1.27 6.08
N ALA A 616 -6.80 1.38 4.99
CA ALA A 616 -6.41 2.73 4.54
C ALA A 616 -6.77 2.94 3.07
N TYR A 617 -5.78 3.20 2.24
CA TYR A 617 -6.07 3.43 0.82
C TYR A 617 -6.64 2.15 0.22
N SER A 618 -7.54 2.31 -0.75
CA SER A 618 -8.26 1.15 -1.28
C SER A 618 -8.57 1.33 -2.75
N ALA A 619 -8.86 0.21 -3.40
CA ALA A 619 -9.26 0.19 -4.80
C ALA A 619 -10.45 -0.76 -4.90
N ILE A 620 -11.49 -0.35 -5.61
CA ILE A 620 -12.59 -1.27 -5.86
C ILE A 620 -12.95 -1.30 -7.34
N THR A 621 -13.36 -2.47 -7.81
CA THR A 621 -13.84 -2.55 -9.17
C THR A 621 -14.86 -3.66 -9.27
N GLU A 622 -15.85 -3.44 -10.13
CA GLU A 622 -16.80 -4.47 -10.48
C GLU A 622 -16.10 -5.42 -11.43
N LEU A 623 -15.94 -6.67 -11.00
CA LEU A 623 -15.37 -7.71 -11.86
C LEU A 623 -16.38 -8.02 -12.95
N PRO A 624 -15.92 -8.63 -14.07
CA PRO A 624 -16.85 -8.96 -15.16
C PRO A 624 -18.04 -9.85 -14.77
N ASN A 625 -17.88 -10.67 -13.73
CA ASN A 625 -18.97 -11.54 -13.30
C ASN A 625 -19.86 -10.87 -12.27
N HIS A 626 -19.69 -9.56 -12.09
CA HIS A 626 -20.50 -8.73 -11.18
C HIS A 626 -20.19 -8.89 -9.68
N HIS A 627 -19.10 -9.59 -9.36
CA HIS A 627 -18.56 -9.57 -7.99
C HIS A 627 -17.83 -8.25 -7.87
N ILE A 628 -17.40 -7.92 -6.66
CA ILE A 628 -16.62 -6.70 -6.44
C ILE A 628 -15.22 -7.12 -5.97
N GLY A 629 -14.18 -6.65 -6.64
CA GLY A 629 -12.82 -6.86 -6.19
C GLY A 629 -12.37 -5.68 -5.34
N VAL A 630 -11.76 -5.95 -4.18
CA VAL A 630 -11.22 -4.91 -3.33
C VAL A 630 -9.74 -5.18 -3.07
N LEU A 631 -8.87 -4.25 -3.49
CA LEU A 631 -7.44 -4.33 -3.15
C LEU A 631 -7.15 -3.16 -2.23
N PHE A 632 -6.67 -3.44 -1.02
CA PHE A 632 -6.59 -2.37 -0.01
C PHE A 632 -5.43 -2.53 0.95
N GLU A 633 -4.98 -1.40 1.52
CA GLU A 633 -4.01 -1.40 2.59
C GLU A 633 -4.64 -1.87 3.89
N LYS A 634 -4.36 -3.11 4.29
CA LYS A 634 -4.89 -3.62 5.55
C LYS A 634 -4.00 -3.27 6.75
N TYR A 635 -3.86 -1.96 7.01
CA TYR A 635 -3.10 -1.46 8.14
C TYR A 635 -3.30 0.03 8.19
N ASP A 636 -2.86 0.65 9.27
CA ASP A 636 -2.98 2.10 9.35
C ASP A 636 -1.75 2.77 8.71
N SER A 637 -1.88 3.20 7.46
CA SER A 637 -0.74 3.79 6.75
C SER A 637 -0.47 5.24 7.15
N TRP A 638 -1.23 5.76 8.11
CA TRP A 638 -0.92 7.07 8.71
C TRP A 638 -0.10 6.89 9.97
N SER A 639 -0.43 5.86 10.76
CA SER A 639 0.20 5.67 12.07
C SER A 639 1.70 5.52 11.98
N ARG A 640 2.41 6.20 12.88
CA ARG A 640 3.86 6.12 12.88
C ARG A 640 4.32 4.85 13.61
N ASN A 641 3.36 4.04 14.07
CA ASN A 641 3.70 2.75 14.67
C ASN A 641 3.62 1.60 13.65
N GLU A 642 3.04 1.86 12.49
CA GLU A 642 2.77 0.78 11.52
C GLU A 642 3.49 0.97 10.20
N LEU A 643 4.61 1.70 10.26
CA LEU A 643 5.48 1.89 9.11
C LEU A 643 6.17 0.59 8.73
N HIS A 644 6.46 0.44 7.44
CA HIS A 644 7.33 -0.62 6.95
C HIS A 644 6.83 -2.01 7.30
N LEU A 645 5.57 -2.28 6.96
CA LEU A 645 5.02 -3.64 7.09
C LEU A 645 4.92 -4.30 5.71
N SER A 646 5.30 -5.56 5.64
CA SER A 646 5.24 -6.29 4.35
C SER A 646 3.95 -7.05 4.17
N ASN A 647 3.45 -7.10 2.93
CA ASN A 647 2.30 -7.93 2.57
C ASN A 647 1.04 -7.58 3.36
N VAL A 648 0.78 -6.27 3.47
CA VAL A 648 -0.43 -5.77 4.10
C VAL A 648 -1.40 -5.21 3.07
N VAL A 649 -0.94 -5.04 1.83
CA VAL A 649 -1.86 -4.72 0.74
C VAL A 649 -2.45 -6.01 0.20
N GLN A 650 -3.76 -6.17 0.38
CA GLN A 650 -4.41 -7.47 0.14
C GLN A 650 -5.67 -7.32 -0.70
N TYR A 651 -6.09 -8.43 -1.28
CA TYR A 651 -7.18 -8.48 -2.24
C TYR A 651 -8.26 -9.44 -1.76
N ILE A 652 -9.52 -9.01 -1.80
CA ILE A 652 -10.65 -9.89 -1.51
C ILE A 652 -11.70 -9.79 -2.60
N ASP A 653 -12.56 -10.81 -2.65
CA ASP A 653 -13.65 -10.87 -3.62
C ASP A 653 -14.94 -10.85 -2.81
N LEU A 654 -15.86 -9.96 -3.18
CA LEU A 654 -17.15 -9.87 -2.50
C LEU A 654 -18.30 -9.97 -3.50
N GLU A 655 -19.46 -10.43 -3.04
CA GLU A 655 -20.67 -10.42 -3.87
C GLU A 655 -21.64 -9.41 -3.28
N ILE A 656 -22.54 -8.86 -4.09
CA ILE A 656 -23.47 -7.85 -3.58
C ILE A 656 -24.28 -8.35 -2.38
N ASN A 657 -24.68 -9.63 -2.41
CA ASN A 657 -25.44 -10.18 -1.29
C ASN A 657 -24.65 -10.16 0.02
N ASP A 658 -23.32 -10.16 -0.08
CA ASP A 658 -22.50 -10.03 1.13
C ASP A 658 -22.62 -8.62 1.69
N LEU A 659 -22.82 -7.65 0.79
CA LEU A 659 -22.83 -6.23 1.16
C LEU A 659 -24.18 -5.82 1.72
N THR A 660 -25.24 -6.41 1.19
CA THR A 660 -26.58 -6.07 1.61
C THR A 660 -27.02 -6.98 2.75
#